data_8ZYQ
#
_entry.id   8ZYQ
#
_cell.length_a   1.00
_cell.length_b   1.00
_cell.length_c   1.00
_cell.angle_alpha   90.00
_cell.angle_beta   90.00
_cell.angle_gamma   90.00
#
_symmetry.space_group_name_H-M   'P 1'
#
loop_
_entity.id
_entity.type
_entity.pdbx_description
1 polymer 'Potassium voltage-gated channel subfamily H member 2'
2 non-polymer 3-[1-[4,4-bis(4-fluorophenyl)butyl]piperidin-4-yl]-1~{H}-benzimidazol-2-one
#
_entity_poly.entity_id   1
_entity_poly.type   'polypeptide(L)'
_entity_poly.pdbx_seq_one_letter_code
;MPVRRGHVAPQNTFLDTIIRKFEGQSRKFIIANARVENCAVIYCNDGFCELCGYSRAEVMQRPCTCDFLHGPRTQRRAAA
QIAQALLGAEERKVEIAFYRKDGSCFLCLVDVVPVKNEDGAVIMFILNFEVVMEKDMVGSSPTSDREIIAPKIKERTHNV
TEKVTQVLSLGADVLPEYKLQAPRIHRWTILHYSPFKAVWDWLILLLVIYTAVFTPYSAAFLLKETEEGPPATECGYACQ
PLAVVDLIVDIMFIVDILINFRTTYVNANEEVVSHPGRIAVHYFKGWFLIDMVAAIPFDLLIFGSGSEELIGLLKTARLL
RLVRVARKLDRYSEYGAAVLFLLMCTFALIAHWLACIWYAIGNMEQPHMDSRIGWLHNLGDQIGKPYNSSGLGGPSIKDK
YVTALYFTFSSLTSVGFGNVSPNTNSEKIFSICVMLIGSLMYASIFGNVSAIIQRLYSGTARYHTQMLRVREFIRFHQIP
NPLRQRLEEYFQHAWSYTNGIDMNAVLKGFPECLQADICLHLNRSLLQHCKPFRGATKGCLRALAMKFKTTHAPPGDTLV
HAGDLLTALYFISRGSIEILRGDVVVAILGKNDIFGEPLNLYARPGKSNGDVRALTYCDLHKIHRDDLLEVLDMYPEFSD
HFWSSLEITFNLRDTNMIPGGRQYQELPRCPAPTPSLLNIPLSSPGRRPRGDVESRLDALQRQLNRLETRLSADMATVLQ
LLQRQMTLVPPAYSAVTTPGPGPTSTSPLLPVSPLPTLTLDSLSQVSQFMACEELPPGAPELPQEGPTRRLSLPGQLGAL
TSQPLHRHGSDPGSLEVLFQ
;
_entity_poly.pdbx_strand_id   A,B,C,D
#
loop_
_chem_comp.id
_chem_comp.type
_chem_comp.name
_chem_comp.formula
1II non-polymer 3-[1-[4,4-bis(4-fluorophenyl)butyl]piperidin-4-yl]-1~{H}-benzimidazol-2-one 'C28 H29 F2 N3 O'
#
# COMPACT_ATOMS: atom_id res chain seq x y z
N LYS A 197 45.04 4.64 11.42
CA LYS A 197 44.22 3.44 11.59
C LYS A 197 42.82 3.81 12.04
N ALA A 198 42.69 4.95 12.71
CA ALA A 198 41.38 5.39 13.18
C ALA A 198 40.45 5.69 12.02
N VAL A 199 40.96 6.32 10.96
CA VAL A 199 40.16 6.70 9.80
C VAL A 199 40.42 5.80 8.60
N TRP A 200 41.28 4.78 8.75
CA TRP A 200 41.53 3.86 7.65
C TRP A 200 40.27 3.06 7.30
N ASP A 201 39.50 2.67 8.32
CA ASP A 201 38.35 1.81 8.10
C ASP A 201 37.25 2.51 7.31
N TRP A 202 37.03 3.81 7.54
CA TRP A 202 36.02 4.52 6.75
C TRP A 202 36.41 4.56 5.28
N LEU A 203 37.68 4.82 4.98
CA LEU A 203 38.13 4.83 3.59
C LEU A 203 38.03 3.44 2.98
N ILE A 204 38.34 2.41 3.75
CA ILE A 204 38.20 1.04 3.26
C ILE A 204 36.75 0.74 2.93
N LEU A 205 35.82 1.17 3.80
CA LEU A 205 34.41 0.96 3.54
C LEU A 205 33.94 1.72 2.30
N LEU A 206 34.42 2.96 2.13
CA LEU A 206 34.06 3.72 0.94
C LEU A 206 34.55 3.04 -0.34
N LEU A 207 35.78 2.52 -0.32
CA LEU A 207 36.29 1.84 -1.50
C LEU A 207 35.59 0.50 -1.74
N VAL A 208 35.22 -0.21 -0.68
CA VAL A 208 34.46 -1.44 -0.88
C VAL A 208 33.08 -1.15 -1.43
N ILE A 209 32.47 -0.03 -1.01
CA ILE A 209 31.21 0.39 -1.62
C ILE A 209 31.41 0.69 -3.09
N TYR A 210 32.50 1.39 -3.43
CA TYR A 210 32.80 1.70 -4.82
C TYR A 210 32.91 0.44 -5.66
N THR A 211 33.66 -0.56 -5.17
CA THR A 211 33.87 -1.75 -5.98
C THR A 211 32.61 -2.61 -6.05
N ALA A 212 31.85 -2.69 -4.96
CA ALA A 212 30.58 -3.41 -4.99
C ALA A 212 29.55 -2.71 -5.87
N VAL A 213 29.72 -1.42 -6.12
CA VAL A 213 28.85 -0.71 -7.05
C VAL A 213 29.28 -0.96 -8.49
N PHE A 214 30.59 -0.83 -8.76
CA PHE A 214 31.05 -0.80 -10.14
C PHE A 214 31.46 -2.15 -10.70
N THR A 215 31.46 -3.22 -9.89
CA THR A 215 31.72 -4.53 -10.48
C THR A 215 30.46 -5.08 -11.15
N PRO A 216 29.31 -5.17 -10.44
CA PRO A 216 28.11 -5.67 -11.13
C PRO A 216 27.67 -4.81 -12.30
N TYR A 217 27.80 -3.49 -12.18
CA TYR A 217 27.35 -2.61 -13.25
C TYR A 217 28.19 -2.84 -14.49
N SER A 218 29.51 -2.93 -14.34
CA SER A 218 30.38 -3.21 -15.47
C SER A 218 30.07 -4.58 -16.07
N ALA A 219 29.98 -5.59 -15.21
CA ALA A 219 29.74 -6.96 -15.66
C ALA A 219 28.37 -7.15 -16.29
N ALA A 220 27.43 -6.23 -16.05
CA ALA A 220 26.11 -6.35 -16.63
C ALA A 220 25.89 -5.44 -17.83
N PHE A 221 26.64 -4.34 -17.95
CA PHE A 221 26.36 -3.37 -19.00
C PHE A 221 27.48 -3.20 -20.02
N LEU A 222 28.75 -3.26 -19.61
CA LEU A 222 29.84 -2.82 -20.47
C LEU A 222 30.39 -3.91 -21.38
N LEU A 223 29.94 -5.14 -21.29
CA LEU A 223 30.46 -6.18 -22.17
C LEU A 223 29.93 -6.04 -23.59
N LYS A 224 28.65 -5.68 -23.74
CA LYS A 224 28.01 -5.55 -25.04
C LYS A 224 28.13 -6.84 -25.87
N LEU A 310 36.49 -13.73 -23.09
CA LEU A 310 35.46 -13.84 -22.06
C LEU A 310 36.08 -14.10 -20.70
N ILE A 311 37.41 -14.03 -20.63
CA ILE A 311 38.14 -14.25 -19.38
C ILE A 311 37.95 -13.12 -18.38
N GLY A 312 37.34 -12.00 -18.81
CA GLY A 312 37.09 -10.89 -17.90
C GLY A 312 35.97 -11.10 -16.91
N LEU A 313 35.20 -12.18 -17.07
CA LEU A 313 34.12 -12.47 -16.14
C LEU A 313 34.63 -12.83 -14.75
N LEU A 314 35.90 -13.23 -14.64
CA LEU A 314 36.47 -13.58 -13.34
C LEU A 314 36.59 -12.39 -12.41
N LYS A 315 36.49 -11.16 -12.92
CA LYS A 315 36.58 -9.98 -12.08
C LYS A 315 35.41 -9.85 -11.11
N THR A 316 34.34 -10.61 -11.34
CA THR A 316 33.18 -10.55 -10.45
C THR A 316 33.48 -11.10 -9.06
N ALA A 317 34.60 -11.78 -8.88
CA ALA A 317 34.97 -12.33 -7.58
C ALA A 317 35.36 -11.25 -6.56
N ARG A 318 35.51 -10.01 -7.00
CA ARG A 318 35.86 -8.92 -6.08
C ARG A 318 34.77 -8.63 -5.06
N LEU A 319 33.56 -9.16 -5.26
CA LEU A 319 32.46 -8.94 -4.33
C LEU A 319 32.67 -9.59 -2.98
N LEU A 320 33.67 -10.46 -2.84
CA LEU A 320 33.95 -11.11 -1.57
C LEU A 320 34.49 -10.16 -0.52
N ARG A 321 34.85 -8.94 -0.90
CA ARG A 321 35.43 -7.98 0.03
C ARG A 321 34.41 -7.45 1.05
N LEU A 322 33.13 -7.75 0.88
CA LEU A 322 32.11 -7.29 1.83
C LEU A 322 32.28 -7.89 3.21
N VAL A 323 33.08 -8.96 3.34
CA VAL A 323 33.29 -9.60 4.63
C VAL A 323 33.99 -8.63 5.60
N ARG A 324 34.76 -7.69 5.08
CA ARG A 324 35.43 -6.72 5.94
C ARG A 324 34.42 -5.86 6.69
N VAL A 325 33.47 -5.28 5.96
CA VAL A 325 32.43 -4.49 6.61
C VAL A 325 31.46 -5.38 7.38
N ALA A 326 31.34 -6.65 6.99
CA ALA A 326 30.55 -7.57 7.79
C ALA A 326 31.15 -7.79 9.16
N ARG A 327 32.48 -7.90 9.24
CA ARG A 327 33.16 -8.20 10.50
C ARG A 327 33.53 -6.95 11.29
N LYS A 328 33.53 -5.77 10.68
CA LYS A 328 33.84 -4.53 11.38
C LYS A 328 32.59 -3.84 11.93
N LEU A 329 31.51 -4.60 12.16
CA LEU A 329 30.27 -4.01 12.64
C LEU A 329 30.41 -3.43 14.04
N ASP A 330 31.24 -4.05 14.89
CA ASP A 330 31.42 -3.55 16.25
C ASP A 330 31.97 -2.14 16.25
N ARG A 331 32.88 -1.84 15.31
CA ARG A 331 33.43 -0.49 15.21
C ARG A 331 32.51 0.43 14.43
N TYR A 332 31.80 -0.09 13.43
CA TYR A 332 30.94 0.76 12.61
C TYR A 332 29.69 1.22 13.35
N SER A 333 29.16 0.42 14.27
CA SER A 333 27.87 0.66 14.88
C SER A 333 27.93 1.62 16.07
N GLU A 334 28.94 2.50 16.12
CA GLU A 334 29.07 3.42 17.25
C GLU A 334 27.86 4.35 17.36
N TYR A 335 27.40 4.90 16.23
CA TYR A 335 26.31 5.87 16.23
C TYR A 335 25.11 5.30 15.49
N GLY A 336 23.91 5.67 15.96
CA GLY A 336 22.70 5.20 15.31
C GLY A 336 22.53 5.77 13.92
N ALA A 337 22.92 7.02 13.71
CA ALA A 337 22.87 7.61 12.38
C ALA A 337 23.77 6.86 11.42
N ALA A 338 24.89 6.33 11.92
CA ALA A 338 25.74 5.48 11.09
C ALA A 338 25.01 4.22 10.67
N VAL A 339 24.24 3.62 11.60
CA VAL A 339 23.47 2.43 11.25
C VAL A 339 22.40 2.76 10.21
N LEU A 340 21.75 3.91 10.34
CA LEU A 340 20.75 4.31 9.36
C LEU A 340 21.40 4.51 7.98
N PHE A 341 22.56 5.16 7.95
CA PHE A 341 23.26 5.36 6.68
C PHE A 341 23.66 4.03 6.07
N LEU A 342 24.14 3.09 6.90
CA LEU A 342 24.52 1.78 6.38
C LEU A 342 23.32 1.02 5.86
N LEU A 343 22.17 1.12 6.54
CA LEU A 343 20.97 0.44 6.07
C LEU A 343 20.49 1.01 4.74
N MET A 344 20.50 2.34 4.62
CA MET A 344 20.14 2.95 3.34
C MET A 344 21.13 2.54 2.25
N CYS A 345 22.42 2.46 2.59
CA CYS A 345 23.42 2.07 1.62
C CYS A 345 23.21 0.65 1.14
N THR A 346 22.91 -0.29 2.04
CA THR A 346 22.73 -1.67 1.61
C THR A 346 21.42 -1.83 0.85
N PHE A 347 20.38 -1.08 1.21
CA PHE A 347 19.15 -1.12 0.43
C PHE A 347 19.39 -0.63 -1.00
N ALA A 348 20.11 0.48 -1.13
CA ALA A 348 20.43 0.98 -2.47
C ALA A 348 21.33 0.00 -3.22
N LEU A 349 22.24 -0.66 -2.51
CA LEU A 349 23.14 -1.60 -3.15
C LEU A 349 22.40 -2.83 -3.68
N ILE A 350 21.47 -3.38 -2.87
CA ILE A 350 20.70 -4.51 -3.35
C ILE A 350 19.77 -4.08 -4.48
N ALA A 351 19.25 -2.84 -4.44
CA ALA A 351 18.47 -2.35 -5.56
C ALA A 351 19.31 -2.26 -6.83
N HIS A 352 20.56 -1.80 -6.70
CA HIS A 352 21.45 -1.73 -7.85
C HIS A 352 21.78 -3.12 -8.40
N TRP A 353 22.01 -4.08 -7.52
CA TRP A 353 22.28 -5.45 -7.97
C TRP A 353 21.08 -6.05 -8.67
N LEU A 354 19.88 -5.83 -8.12
CA LEU A 354 18.67 -6.33 -8.77
C LEU A 354 18.44 -5.64 -10.11
N ALA A 355 18.79 -4.35 -10.21
CA ALA A 355 18.70 -3.66 -11.48
C ALA A 355 19.65 -4.26 -12.51
N CYS A 356 20.87 -4.60 -12.08
CA CYS A 356 21.82 -5.24 -12.99
C CYS A 356 21.31 -6.59 -13.46
N ILE A 357 20.76 -7.38 -12.55
CA ILE A 357 20.21 -8.68 -12.93
C ILE A 357 19.02 -8.52 -13.87
N TRP A 358 18.17 -7.53 -13.60
CA TRP A 358 17.02 -7.26 -14.45
C TRP A 358 17.45 -6.87 -15.86
N TYR A 359 18.47 -6.01 -15.96
CA TYR A 359 18.97 -5.65 -17.28
C TYR A 359 19.60 -6.84 -17.98
N ALA A 360 20.32 -7.69 -17.25
CA ALA A 360 20.88 -8.88 -17.88
C ALA A 360 19.79 -9.78 -18.43
N ILE A 361 18.72 -9.99 -17.65
CA ILE A 361 17.61 -10.83 -18.09
C ILE A 361 16.97 -10.21 -19.33
N GLY A 362 16.71 -8.91 -19.31
CA GLY A 362 16.08 -8.26 -20.44
C GLY A 362 16.97 -8.17 -21.67
N ASN A 363 18.29 -8.24 -21.47
CA ASN A 363 19.23 -8.20 -22.59
C ASN A 363 19.43 -9.57 -23.22
N MET A 364 19.34 -10.65 -22.45
CA MET A 364 19.43 -11.97 -23.03
C MET A 364 18.26 -12.23 -23.99
N GLU A 365 17.05 -11.81 -23.62
CA GLU A 365 15.88 -12.09 -24.44
C GLU A 365 15.77 -11.16 -25.64
N GLN A 366 16.37 -9.98 -25.57
CA GLN A 366 16.16 -8.96 -26.59
C GLN A 366 16.50 -9.41 -28.01
N PRO A 367 17.67 -10.00 -28.31
CA PRO A 367 17.98 -10.43 -29.68
C PRO A 367 17.54 -11.87 -29.98
N HIS A 368 16.29 -12.19 -29.62
CA HIS A 368 15.72 -13.51 -29.88
C HIS A 368 14.21 -13.42 -30.06
N ARG A 372 7.12 -7.38 -29.83
CA ARG A 372 7.16 -6.31 -28.84
C ARG A 372 7.00 -6.88 -27.43
N ILE A 373 7.74 -7.95 -27.15
CA ILE A 373 7.74 -8.60 -25.84
C ILE A 373 9.07 -8.31 -25.17
N GLY A 374 9.04 -8.16 -23.86
CA GLY A 374 10.22 -7.80 -23.12
C GLY A 374 10.22 -6.32 -22.75
N TRP A 375 10.91 -6.00 -21.65
CA TRP A 375 10.87 -4.63 -21.14
C TRP A 375 11.74 -3.69 -21.96
N LEU A 376 12.79 -4.20 -22.61
CA LEU A 376 13.67 -3.32 -23.38
C LEU A 376 12.95 -2.77 -24.62
N HIS A 377 12.18 -3.61 -25.30
CA HIS A 377 11.44 -3.13 -26.46
C HIS A 377 10.41 -2.08 -26.07
N ASN A 378 9.69 -2.32 -24.97
CA ASN A 378 8.70 -1.36 -24.50
C ASN A 378 9.35 -0.06 -24.07
N LEU A 379 10.50 -0.14 -23.40
CA LEU A 379 11.22 1.07 -23.01
C LEU A 379 11.68 1.85 -24.23
N GLY A 380 12.21 1.16 -25.24
CA GLY A 380 12.62 1.84 -26.45
C GLY A 380 11.46 2.52 -27.15
N ASP A 381 10.31 1.85 -27.19
CA ASP A 381 9.12 2.45 -27.79
C ASP A 381 8.66 3.67 -27.00
N GLN A 382 8.73 3.59 -25.66
CA GLN A 382 8.14 4.63 -24.82
C GLN A 382 8.89 5.95 -24.95
N ILE A 383 10.23 5.91 -24.94
CA ILE A 383 11.02 7.13 -24.94
C ILE A 383 11.27 7.60 -26.36
N GLY A 384 10.58 6.99 -27.32
CA GLY A 384 10.73 7.38 -28.71
C GLY A 384 12.06 7.02 -29.33
N LYS A 385 12.68 5.93 -28.88
CA LYS A 385 13.94 5.44 -29.44
C LYS A 385 13.76 3.96 -29.76
N PRO A 386 13.08 3.65 -30.87
CA PRO A 386 12.78 2.24 -31.19
C PRO A 386 14.05 1.42 -31.32
N TYR A 387 13.97 0.17 -30.84
CA TYR A 387 15.10 -0.75 -30.91
C TYR A 387 15.35 -1.19 -32.34
N GLY A 393 20.66 -0.14 -32.67
CA GLY A 393 20.11 1.07 -32.07
C GLY A 393 19.46 0.82 -30.73
N GLY A 394 18.44 1.62 -30.42
CA GLY A 394 17.73 1.50 -29.17
C GLY A 394 18.13 2.56 -28.15
N PRO A 395 17.61 2.45 -26.94
CA PRO A 395 17.95 3.42 -25.91
C PRO A 395 19.41 3.35 -25.52
N SER A 396 19.94 4.48 -25.05
CA SER A 396 21.32 4.55 -24.61
C SER A 396 21.50 3.79 -23.30
N ILE A 397 22.77 3.59 -22.93
CA ILE A 397 23.08 2.86 -21.70
C ILE A 397 22.54 3.61 -20.49
N LYS A 398 22.63 4.93 -20.50
CA LYS A 398 22.10 5.73 -19.39
C LYS A 398 20.61 5.50 -19.22
N ASP A 399 19.86 5.54 -20.32
CA ASP A 399 18.42 5.34 -20.24
C ASP A 399 18.09 3.94 -19.73
N LYS A 400 18.81 2.92 -20.22
CA LYS A 400 18.53 1.55 -19.80
C LYS A 400 18.83 1.37 -18.32
N TYR A 401 19.96 1.88 -17.84
CA TYR A 401 20.28 1.74 -16.43
C TYR A 401 19.29 2.50 -15.55
N VAL A 402 18.92 3.72 -15.95
CA VAL A 402 17.98 4.50 -15.14
C VAL A 402 16.63 3.80 -15.09
N THR A 403 16.17 3.27 -16.23
CA THR A 403 14.90 2.56 -16.25
C THR A 403 14.95 1.31 -15.37
N ALA A 404 16.05 0.56 -15.44
CA ALA A 404 16.16 -0.65 -14.63
C ALA A 404 16.16 -0.33 -13.14
N LEU A 405 16.94 0.68 -12.74
CA LEU A 405 16.98 1.07 -11.33
C LEU A 405 15.64 1.59 -10.86
N TYR A 406 14.96 2.37 -11.70
CA TYR A 406 13.65 2.90 -11.34
C TYR A 406 12.62 1.80 -11.17
N PHE A 407 12.60 0.82 -12.09
CA PHE A 407 11.70 -0.30 -11.94
C PHE A 407 12.00 -1.10 -10.69
N THR A 408 13.28 -1.35 -10.42
CA THR A 408 13.64 -2.13 -9.24
C THR A 408 13.26 -1.40 -7.96
N PHE A 409 13.46 -0.09 -7.90
CA PHE A 409 13.06 0.67 -6.73
C PHE A 409 11.55 0.69 -6.55
N SER A 410 10.79 0.83 -7.64
CA SER A 410 9.34 0.83 -7.55
C SER A 410 8.82 -0.53 -7.10
N SER A 411 9.46 -1.61 -7.55
CA SER A 411 9.04 -2.95 -7.13
C SER A 411 9.39 -3.20 -5.66
N LEU A 412 10.61 -2.83 -5.26
CA LEU A 412 11.03 -3.08 -3.88
C LEU A 412 10.25 -2.23 -2.88
N THR A 413 9.98 -0.98 -3.23
CA THR A 413 9.16 -0.14 -2.36
C THR A 413 7.67 -0.39 -2.53
N SER A 414 7.28 -1.27 -3.47
CA SER A 414 5.90 -1.65 -3.70
C SER A 414 5.04 -0.46 -4.14
N VAL A 415 5.49 0.19 -5.20
CA VAL A 415 4.73 1.25 -5.83
C VAL A 415 4.09 0.79 -7.14
N GLY A 416 4.88 0.19 -8.02
CA GLY A 416 4.34 -0.34 -9.26
C GLY A 416 3.73 0.73 -10.14
N PHE A 417 4.56 1.59 -10.72
CA PHE A 417 4.06 2.73 -11.47
C PHE A 417 3.29 2.34 -12.72
N GLY A 418 3.48 1.12 -13.22
CA GLY A 418 2.83 0.70 -14.43
C GLY A 418 3.54 1.08 -15.71
N ASN A 419 4.60 1.88 -15.63
CA ASN A 419 5.39 2.20 -16.81
C ASN A 419 6.16 0.98 -17.29
N VAL A 420 6.83 0.29 -16.37
CA VAL A 420 7.60 -0.92 -16.66
C VAL A 420 6.94 -2.08 -15.93
N SER A 421 6.59 -3.13 -16.68
CA SER A 421 5.92 -4.29 -16.11
C SER A 421 6.47 -5.55 -16.76
N PRO A 422 6.79 -6.58 -15.96
CA PRO A 422 7.28 -7.83 -16.54
C PRO A 422 6.25 -8.44 -17.49
N ASN A 423 6.74 -9.02 -18.58
CA ASN A 423 5.86 -9.56 -19.60
C ASN A 423 6.27 -10.92 -20.14
N THR A 424 7.40 -11.48 -19.70
CA THR A 424 7.83 -12.81 -20.11
C THR A 424 7.97 -13.69 -18.88
N ASN A 425 8.06 -15.00 -19.12
CA ASN A 425 8.12 -15.95 -18.02
C ASN A 425 9.36 -15.72 -17.16
N SER A 426 10.51 -15.50 -17.79
CA SER A 426 11.72 -15.21 -17.01
C SER A 426 11.57 -13.92 -16.22
N GLU A 427 11.04 -12.88 -16.87
CA GLU A 427 10.82 -11.61 -16.18
C GLU A 427 9.81 -11.76 -15.05
N LYS A 428 8.75 -12.54 -15.26
CA LYS A 428 7.74 -12.73 -14.22
C LYS A 428 8.30 -13.50 -13.04
N ILE A 429 9.10 -14.54 -13.29
CA ILE A 429 9.70 -15.30 -12.19
C ILE A 429 10.70 -14.44 -11.43
N PHE A 430 11.51 -13.67 -12.17
CA PHE A 430 12.42 -12.73 -11.50
C PHE A 430 11.65 -11.74 -10.65
N SER A 431 10.51 -11.25 -11.16
CA SER A 431 9.69 -10.33 -10.39
C SER A 431 9.14 -10.99 -9.14
N ILE A 432 8.69 -12.24 -9.24
CA ILE A 432 8.17 -12.94 -8.07
C ILE A 432 9.24 -13.08 -7.00
N CYS A 433 10.45 -13.48 -7.41
CA CYS A 433 11.55 -13.59 -6.47
C CYS A 433 11.90 -12.24 -5.86
N VAL A 434 11.85 -11.18 -6.68
CA VAL A 434 12.16 -9.84 -6.20
C VAL A 434 11.16 -9.42 -5.13
N MET A 435 9.87 -9.64 -5.38
CA MET A 435 8.87 -9.28 -4.37
C MET A 435 8.97 -10.14 -3.11
N LEU A 436 9.33 -11.41 -3.24
CA LEU A 436 9.52 -12.24 -2.05
C LEU A 436 10.66 -11.69 -1.19
N ILE A 437 11.88 -11.67 -1.75
CA ILE A 437 13.01 -11.17 -0.98
C ILE A 437 12.86 -9.70 -0.64
N GLY A 438 12.02 -8.97 -1.37
CA GLY A 438 11.77 -7.58 -1.08
C GLY A 438 10.87 -7.40 0.11
N SER A 439 9.86 -8.26 0.26
CA SER A 439 9.09 -8.27 1.49
C SER A 439 9.99 -8.59 2.67
N LEU A 440 10.84 -9.60 2.52
CA LEU A 440 11.75 -9.98 3.60
C LEU A 440 12.67 -8.82 3.98
N MET A 441 13.34 -8.22 3.00
CA MET A 441 14.31 -7.18 3.28
C MET A 441 13.65 -5.88 3.69
N TYR A 442 12.47 -5.57 3.14
CA TYR A 442 11.69 -4.43 3.59
C TYR A 442 11.36 -4.55 5.07
N ALA A 443 10.81 -5.69 5.46
CA ALA A 443 10.49 -5.90 6.86
C ALA A 443 11.73 -5.75 7.73
N SER A 444 12.81 -6.47 7.41
CA SER A 444 13.98 -6.44 8.26
C SER A 444 14.58 -5.03 8.36
N ILE A 445 14.84 -4.41 7.21
CA ILE A 445 15.53 -3.12 7.18
C ILE A 445 14.70 -2.06 7.88
N PHE A 446 13.43 -1.94 7.51
CA PHE A 446 12.63 -0.86 8.05
C PHE A 446 12.14 -1.14 9.47
N GLY A 447 12.09 -2.40 9.90
CA GLY A 447 11.90 -2.67 11.31
C GLY A 447 13.11 -2.26 12.13
N ASN A 448 14.31 -2.51 11.61
CA ASN A 448 15.52 -2.02 12.27
C ASN A 448 15.50 -0.50 12.34
N VAL A 449 15.09 0.17 11.25
CA VAL A 449 15.04 1.62 11.25
C VAL A 449 14.02 2.13 12.26
N SER A 450 12.84 1.51 12.30
CA SER A 450 11.80 1.92 13.22
C SER A 450 12.18 1.65 14.67
N ALA A 451 13.05 0.66 14.91
CA ALA A 451 13.57 0.46 16.25
C ALA A 451 14.61 1.50 16.61
N ILE A 452 15.48 1.85 15.66
CA ILE A 452 16.59 2.76 15.96
C ILE A 452 16.10 4.19 16.13
N ILE A 453 15.04 4.60 15.42
CA ILE A 453 14.70 6.01 15.37
C ILE A 453 14.40 6.58 16.76
N GLN A 454 13.94 5.76 17.70
CA GLN A 454 13.82 6.24 19.07
C GLN A 454 15.20 6.54 19.66
N ARG A 455 16.17 5.69 19.38
CA ARG A 455 17.51 5.80 19.93
C ARG A 455 18.22 7.05 19.39
N LYS B 197 -32.40 -8.56 27.55
CA LYS B 197 -31.63 -7.36 27.91
C LYS B 197 -30.14 -7.64 27.84
N ALA B 198 -29.75 -8.86 28.25
CA ALA B 198 -28.34 -9.22 28.23
C ALA B 198 -27.81 -9.28 26.80
N VAL B 199 -28.61 -9.80 25.87
CA VAL B 199 -28.20 -9.94 24.48
C VAL B 199 -28.80 -8.84 23.60
N TRP B 200 -29.47 -7.87 24.20
CA TRP B 200 -30.05 -6.77 23.41
C TRP B 200 -28.96 -5.89 22.81
N ASP B 201 -27.85 -5.71 23.51
CA ASP B 201 -26.79 -4.83 23.04
C ASP B 201 -26.18 -5.33 21.74
N TRP B 202 -25.94 -6.63 21.63
CA TRP B 202 -25.34 -7.18 20.42
C TRP B 202 -26.33 -7.12 19.25
N LEU B 203 -27.61 -7.33 19.53
CA LEU B 203 -28.62 -7.17 18.49
C LEU B 203 -28.67 -5.73 17.99
N ILE B 204 -28.56 -4.77 18.91
CA ILE B 204 -28.53 -3.36 18.52
C ILE B 204 -27.27 -3.06 17.71
N LEU B 205 -26.15 -3.67 18.07
CA LEU B 205 -24.93 -3.50 17.29
C LEU B 205 -25.10 -4.03 15.87
N LEU B 206 -25.72 -5.20 15.73
CA LEU B 206 -25.98 -5.74 14.39
C LEU B 206 -26.91 -4.83 13.60
N LEU B 207 -27.94 -4.29 14.26
CA LEU B 207 -28.85 -3.37 13.58
C LEU B 207 -28.12 -2.10 13.14
N VAL B 208 -27.21 -1.60 13.98
CA VAL B 208 -26.42 -0.42 13.64
C VAL B 208 -25.53 -0.72 12.44
N ILE B 209 -24.92 -1.90 12.40
CA ILE B 209 -24.12 -2.29 11.25
C ILE B 209 -24.98 -2.32 10.00
N TYR B 210 -26.19 -2.88 10.10
CA TYR B 210 -27.07 -2.96 8.94
C TYR B 210 -27.41 -1.57 8.42
N THR B 211 -27.79 -0.65 9.31
CA THR B 211 -28.19 0.67 8.83
C THR B 211 -26.98 1.45 8.29
N ALA B 212 -25.82 1.28 8.91
CA ALA B 212 -24.62 1.93 8.41
C ALA B 212 -24.24 1.40 7.04
N VAL B 213 -24.53 0.12 6.77
CA VAL B 213 -24.24 -0.42 5.44
C VAL B 213 -25.26 0.09 4.42
N PHE B 214 -26.54 0.11 4.78
CA PHE B 214 -27.59 0.27 3.78
C PHE B 214 -28.13 1.70 3.64
N THR B 215 -27.77 2.62 4.53
CA THR B 215 -28.26 3.99 4.35
C THR B 215 -27.42 4.74 3.30
N PRO B 216 -26.08 4.81 3.44
CA PRO B 216 -25.30 5.49 2.40
C PRO B 216 -25.42 4.82 1.04
N TYR B 217 -25.52 3.49 1.01
CA TYR B 217 -25.69 2.81 -0.27
C TYR B 217 -27.00 3.22 -0.93
N SER B 218 -28.09 3.22 -0.18
CA SER B 218 -29.38 3.62 -0.75
C SER B 218 -29.34 5.05 -1.23
N ALA B 219 -28.77 5.95 -0.40
CA ALA B 219 -28.73 7.36 -0.77
C ALA B 219 -27.89 7.61 -2.02
N ALA B 220 -26.75 6.91 -2.14
CA ALA B 220 -25.85 7.17 -3.25
C ALA B 220 -26.31 6.49 -4.54
N PHE B 221 -26.80 5.26 -4.46
CA PHE B 221 -27.14 4.47 -5.64
C PHE B 221 -28.63 4.46 -5.95
N LEU B 222 -29.46 4.08 -4.97
CA LEU B 222 -30.88 3.84 -5.21
C LEU B 222 -31.70 5.08 -4.87
N LEU B 223 -31.42 6.16 -5.59
CA LEU B 223 -32.20 7.39 -5.49
C LEU B 223 -32.82 7.81 -6.80
N LYS B 224 -32.10 7.64 -7.91
CA LYS B 224 -32.62 7.87 -9.26
C LYS B 224 -33.28 9.24 -9.42
N LEU B 242 -35.06 -3.77 1.27
CA LEU B 242 -36.50 -3.79 1.03
C LEU B 242 -37.22 -2.96 2.09
N ALA B 243 -38.37 -2.39 1.73
CA ALA B 243 -39.11 -1.53 2.65
C ALA B 243 -39.60 -2.30 3.87
N VAL B 244 -39.86 -3.60 3.72
CA VAL B 244 -40.28 -4.40 4.86
C VAL B 244 -39.18 -4.46 5.91
N VAL B 245 -37.93 -4.67 5.47
CA VAL B 245 -36.81 -4.71 6.40
C VAL B 245 -36.59 -3.34 7.02
N ASP B 246 -36.80 -2.28 6.26
CA ASP B 246 -36.68 -0.93 6.82
C ASP B 246 -37.71 -0.70 7.92
N LEU B 247 -38.96 -1.11 7.69
CA LEU B 247 -39.98 -0.95 8.72
C LEU B 247 -39.66 -1.81 9.94
N ILE B 248 -39.17 -3.03 9.72
CA ILE B 248 -38.81 -3.90 10.85
C ILE B 248 -37.70 -3.27 11.67
N VAL B 249 -36.69 -2.71 11.00
CA VAL B 249 -35.57 -2.08 11.70
C VAL B 249 -36.06 -0.86 12.49
N ASP B 250 -36.94 -0.05 11.88
CA ASP B 250 -37.47 1.11 12.57
C ASP B 250 -38.27 0.70 13.81
N ILE B 251 -39.08 -0.35 13.69
CA ILE B 251 -39.85 -0.82 14.84
C ILE B 251 -38.92 -1.36 15.92
N MET B 252 -37.86 -2.07 15.53
CA MET B 252 -36.90 -2.57 16.51
C MET B 252 -36.21 -1.43 17.25
N PHE B 253 -35.84 -0.37 16.53
CA PHE B 253 -35.20 0.76 17.20
C PHE B 253 -36.19 1.52 18.08
N ILE B 254 -37.47 1.58 17.69
CA ILE B 254 -38.48 2.16 18.56
C ILE B 254 -38.62 1.34 19.85
N VAL B 255 -38.61 0.01 19.72
CA VAL B 255 -38.64 -0.83 20.91
C VAL B 255 -37.42 -0.58 21.78
N ASP B 256 -36.25 -0.42 21.16
CA ASP B 256 -35.02 -0.18 21.91
C ASP B 256 -35.10 1.13 22.68
N ILE B 257 -35.58 2.20 22.02
CA ILE B 257 -35.65 3.49 22.71
C ILE B 257 -36.74 3.45 23.79
N LEU B 258 -37.79 2.66 23.59
CA LEU B 258 -38.80 2.52 24.64
C LEU B 258 -38.24 1.82 25.87
N ILE B 259 -37.58 0.67 25.68
CA ILE B 259 -37.06 -0.09 26.82
C ILE B 259 -35.79 0.51 27.40
N ASN B 260 -35.16 1.47 26.72
CA ASN B 260 -33.96 2.09 27.28
C ASN B 260 -34.29 2.91 28.52
N PHE B 261 -35.52 3.36 28.66
CA PHE B 261 -35.96 4.12 29.84
C PHE B 261 -35.80 3.29 31.12
N GLY B 277 -39.08 4.03 37.75
CA GLY B 277 -39.30 5.12 36.81
C GLY B 277 -38.64 6.41 37.23
N ARG B 278 -37.60 6.29 38.06
CA ARG B 278 -36.87 7.44 38.56
C ARG B 278 -35.66 7.80 37.71
N ILE B 279 -35.40 7.05 36.63
CA ILE B 279 -34.24 7.28 35.78
C ILE B 279 -34.61 7.98 34.48
N ALA B 280 -35.89 8.25 34.24
CA ALA B 280 -36.30 8.92 33.01
C ALA B 280 -35.70 10.32 32.91
N VAL B 281 -35.64 11.03 34.04
CA VAL B 281 -35.04 12.36 34.04
C VAL B 281 -33.57 12.28 33.66
N HIS B 282 -32.87 11.25 34.14
CA HIS B 282 -31.46 11.10 33.81
C HIS B 282 -31.25 10.91 32.31
N TYR B 283 -32.09 10.10 31.67
CA TYR B 283 -31.94 9.88 30.23
C TYR B 283 -32.39 11.11 29.44
N PHE B 284 -33.37 11.85 29.93
CA PHE B 284 -33.89 13.00 29.20
C PHE B 284 -32.78 14.01 28.89
N LYS B 285 -31.84 14.17 29.81
CA LYS B 285 -30.70 15.05 29.59
C LYS B 285 -29.47 14.32 29.05
N GLY B 286 -29.44 13.00 29.12
CA GLY B 286 -28.27 12.26 28.69
C GLY B 286 -28.13 12.05 27.20
N TRP B 287 -29.06 11.30 26.59
CA TRP B 287 -28.95 10.99 25.18
C TRP B 287 -30.29 10.92 24.45
N PHE B 288 -31.40 11.33 25.07
CA PHE B 288 -32.70 11.13 24.46
C PHE B 288 -32.86 11.96 23.18
N LEU B 289 -32.27 13.16 23.15
CA LEU B 289 -32.45 14.03 21.99
C LEU B 289 -31.88 13.40 20.72
N ILE B 290 -30.69 12.81 20.81
CA ILE B 290 -30.04 12.24 19.63
C ILE B 290 -30.83 11.04 19.13
N ASP B 291 -31.24 10.16 20.03
CA ASP B 291 -32.02 8.98 19.62
C ASP B 291 -33.37 9.39 19.03
N MET B 292 -34.02 10.39 19.62
CA MET B 292 -35.29 10.87 19.08
C MET B 292 -35.10 11.46 17.69
N VAL B 293 -34.02 12.22 17.48
CA VAL B 293 -33.76 12.80 16.17
C VAL B 293 -33.50 11.69 15.15
N ALA B 294 -32.72 10.69 15.53
CA ALA B 294 -32.43 9.59 14.62
C ALA B 294 -33.60 8.64 14.42
N ALA B 295 -34.64 8.73 15.25
CA ALA B 295 -35.75 7.80 15.17
C ALA B 295 -36.98 8.35 14.46
N ILE B 296 -37.12 9.68 14.37
CA ILE B 296 -38.32 10.27 13.79
C ILE B 296 -38.30 10.11 12.27
N PRO B 297 -39.33 9.50 11.68
CA PRO B 297 -39.38 9.43 10.21
C PRO B 297 -39.55 10.80 9.59
N PHE B 298 -38.96 10.97 8.41
CA PHE B 298 -39.00 12.24 7.69
C PHE B 298 -39.91 12.20 6.48
N ASP B 299 -40.72 11.15 6.33
CA ASP B 299 -41.61 11.05 5.18
C ASP B 299 -42.71 12.09 5.27
N LEU B 300 -43.02 12.73 4.13
CA LEU B 300 -44.05 13.75 4.07
C LEU B 300 -45.07 13.42 2.99
N LEU B 310 -36.16 16.20 -2.74
CA LEU B 310 -36.19 14.76 -2.51
C LEU B 310 -36.26 14.44 -1.02
N ILE B 311 -37.41 13.90 -0.60
CA ILE B 311 -37.59 13.55 0.81
C ILE B 311 -36.68 12.41 1.24
N GLY B 312 -36.20 11.61 0.29
CA GLY B 312 -35.33 10.49 0.64
C GLY B 312 -33.95 10.89 1.10
N LEU B 313 -33.52 12.12 0.80
CA LEU B 313 -32.21 12.57 1.24
C LEU B 313 -32.18 12.82 2.74
N LEU B 314 -33.34 13.12 3.34
CA LEU B 314 -33.41 13.27 4.79
C LEU B 314 -33.29 11.94 5.53
N LYS B 315 -33.41 10.82 4.83
CA LYS B 315 -33.26 9.52 5.47
C LYS B 315 -31.81 9.23 5.87
N THR B 316 -30.86 10.05 5.44
CA THR B 316 -29.48 9.90 5.90
C THR B 316 -29.32 10.16 7.39
N ALA B 317 -30.34 10.74 8.04
CA ALA B 317 -30.28 10.95 9.48
C ALA B 317 -30.28 9.64 10.25
N ARG B 318 -30.73 8.55 9.63
CA ARG B 318 -30.65 7.24 10.27
C ARG B 318 -29.22 6.78 10.50
N LEU B 319 -28.24 7.41 9.86
CA LEU B 319 -26.85 7.12 10.14
C LEU B 319 -26.42 7.60 11.52
N LEU B 320 -27.25 8.39 12.20
CA LEU B 320 -26.91 8.90 13.52
C LEU B 320 -26.92 7.82 14.59
N ARG B 321 -27.40 6.60 14.28
CA ARG B 321 -27.47 5.55 15.27
C ARG B 321 -26.10 5.03 15.71
N LEU B 322 -25.02 5.45 15.04
CA LEU B 322 -23.69 4.97 15.40
C LEU B 322 -23.28 5.38 16.81
N VAL B 323 -23.88 6.44 17.36
CA VAL B 323 -23.54 6.86 18.71
C VAL B 323 -23.95 5.78 19.71
N ARG B 324 -24.97 4.99 19.37
CA ARG B 324 -25.42 3.93 20.28
C ARG B 324 -24.30 2.94 20.58
N VAL B 325 -23.54 2.55 19.55
CA VAL B 325 -22.41 1.66 19.77
C VAL B 325 -21.16 2.43 20.17
N ALA B 326 -21.05 3.71 19.79
CA ALA B 326 -19.90 4.50 20.19
C ALA B 326 -19.85 4.70 21.70
N ARG B 327 -21.00 5.02 22.31
CA ARG B 327 -21.07 5.26 23.75
C ARG B 327 -21.03 3.98 24.56
N LYS B 328 -21.41 2.84 23.97
CA LYS B 328 -21.47 1.57 24.67
C LYS B 328 -20.20 0.75 24.46
N LEU B 329 -19.06 1.42 24.26
CA LEU B 329 -17.81 0.73 23.95
C LEU B 329 -17.29 -0.09 25.12
N ASP B 330 -17.82 0.09 26.32
CA ASP B 330 -17.36 -0.70 27.46
C ASP B 330 -17.68 -2.18 27.27
N ARG B 331 -18.87 -2.48 26.76
CA ARG B 331 -19.27 -3.88 26.59
C ARG B 331 -18.59 -4.52 25.39
N TYR B 332 -18.39 -3.77 24.31
CA TYR B 332 -17.87 -4.31 23.06
C TYR B 332 -16.35 -4.39 23.04
N SER B 333 -15.67 -3.94 24.09
CA SER B 333 -14.20 -3.92 24.14
C SER B 333 -13.65 -4.87 25.20
N GLU B 334 -14.38 -5.96 25.48
CA GLU B 334 -13.92 -6.94 26.46
C GLU B 334 -13.37 -8.20 25.81
N TYR B 335 -14.02 -8.71 24.77
CA TYR B 335 -13.48 -9.84 24.02
C TYR B 335 -12.49 -9.33 22.99
N GLY B 336 -11.31 -9.95 22.95
CA GLY B 336 -10.34 -9.60 21.92
C GLY B 336 -10.84 -9.90 20.52
N ALA B 337 -11.52 -11.03 20.37
CA ALA B 337 -12.13 -11.36 19.08
C ALA B 337 -13.18 -10.33 18.70
N ALA B 338 -13.93 -9.83 19.69
CA ALA B 338 -14.90 -8.77 19.41
C ALA B 338 -14.20 -7.51 18.92
N VAL B 339 -13.06 -7.15 19.52
CA VAL B 339 -12.32 -5.98 19.06
C VAL B 339 -11.82 -6.17 17.65
N LEU B 340 -11.30 -7.37 17.34
CA LEU B 340 -10.82 -7.64 15.98
C LEU B 340 -11.97 -7.55 14.97
N PHE B 341 -13.12 -8.12 15.32
CA PHE B 341 -14.27 -8.07 14.43
C PHE B 341 -14.75 -6.63 14.24
N LEU B 342 -14.73 -5.83 15.31
CA LEU B 342 -15.11 -4.43 15.20
C LEU B 342 -14.15 -3.67 14.29
N LEU B 343 -12.84 -3.95 14.41
CA LEU B 343 -11.87 -3.29 13.53
C LEU B 343 -12.09 -3.67 12.09
N MET B 344 -12.36 -4.96 11.82
CA MET B 344 -12.63 -5.38 10.45
C MET B 344 -13.89 -4.71 9.91
N CYS B 345 -14.94 -4.64 10.74
CA CYS B 345 -16.18 -4.02 10.32
C CYS B 345 -16.00 -2.53 10.06
N THR B 346 -15.19 -1.85 10.87
CA THR B 346 -15.00 -0.42 10.64
C THR B 346 -14.14 -0.16 9.41
N PHE B 347 -13.16 -1.03 9.14
CA PHE B 347 -12.45 -0.96 7.86
C PHE B 347 -13.41 -1.11 6.69
N ALA B 348 -14.26 -2.14 6.74
CA ALA B 348 -15.20 -2.37 5.64
C ALA B 348 -16.18 -1.21 5.50
N LEU B 349 -16.64 -0.66 6.63
CA LEU B 349 -17.60 0.44 6.58
C LEU B 349 -16.98 1.71 6.02
N ILE B 350 -15.74 2.01 6.40
CA ILE B 350 -15.07 3.18 5.84
C ILE B 350 -14.86 3.01 4.35
N ALA B 351 -14.47 1.80 3.92
CA ALA B 351 -14.32 1.54 2.49
C ALA B 351 -15.66 1.70 1.76
N HIS B 352 -16.74 1.21 2.37
CA HIS B 352 -18.06 1.32 1.75
C HIS B 352 -18.51 2.77 1.63
N TRP B 353 -18.28 3.57 2.67
CA TRP B 353 -18.64 4.99 2.61
C TRP B 353 -17.82 5.72 1.55
N LEU B 354 -16.52 5.42 1.48
CA LEU B 354 -15.69 6.04 0.44
C LEU B 354 -16.14 5.62 -0.95
N ALA B 355 -16.57 4.35 -1.10
CA ALA B 355 -17.10 3.91 -2.39
C ALA B 355 -18.37 4.66 -2.76
N CYS B 356 -19.25 4.89 -1.77
CA CYS B 356 -20.46 5.65 -2.04
C CYS B 356 -20.14 7.08 -2.46
N ILE B 357 -19.19 7.72 -1.77
CA ILE B 357 -18.80 9.08 -2.14
C ILE B 357 -18.16 9.10 -3.53
N TRP B 358 -17.35 8.08 -3.83
CA TRP B 358 -16.71 7.98 -5.14
C TRP B 358 -17.75 7.85 -6.25
N TYR B 359 -18.77 7.02 -6.03
CA TYR B 359 -19.82 6.90 -7.04
C TYR B 359 -20.62 8.19 -7.16
N ALA B 360 -20.89 8.86 -6.04
CA ALA B 360 -21.60 10.13 -6.12
C ALA B 360 -20.83 11.15 -6.93
N ILE B 361 -19.51 11.23 -6.71
CA ILE B 361 -18.67 12.15 -7.48
C ILE B 361 -18.69 11.77 -8.95
N GLY B 362 -18.54 10.48 -9.25
CA GLY B 362 -18.47 10.05 -10.63
C GLY B 362 -19.79 10.18 -11.37
N ASN B 363 -20.91 10.15 -10.66
CA ASN B 363 -22.21 10.29 -11.29
C ASN B 363 -22.66 11.73 -11.40
N MET B 364 -22.27 12.60 -10.46
CA MET B 364 -22.65 14.00 -10.55
C MET B 364 -22.01 14.67 -11.75
N GLU B 365 -20.88 14.16 -12.23
CA GLU B 365 -20.20 14.68 -13.41
C GLU B 365 -20.39 13.80 -14.63
N GLN B 366 -21.21 12.76 -14.53
CA GLN B 366 -21.38 11.84 -15.66
C GLN B 366 -21.98 12.52 -16.89
N PRO B 367 -23.09 13.25 -16.82
CA PRO B 367 -23.65 13.84 -18.05
C PRO B 367 -22.85 15.02 -18.57
N HIS B 368 -21.97 15.61 -17.77
CA HIS B 368 -21.18 16.76 -18.21
C HIS B 368 -19.98 16.31 -19.04
N ARG B 372 -16.46 11.08 -21.15
CA ARG B 372 -15.35 10.30 -21.67
C ARG B 372 -14.09 10.55 -20.87
N ILE B 373 -14.23 11.29 -19.77
CA ILE B 373 -13.12 11.63 -18.90
C ILE B 373 -13.33 10.99 -17.54
N GLY B 374 -14.59 10.84 -17.14
CA GLY B 374 -14.89 10.25 -15.85
C GLY B 374 -14.60 8.77 -15.80
N TRP B 375 -14.61 8.23 -14.58
CA TRP B 375 -14.33 6.81 -14.42
C TRP B 375 -15.47 5.93 -14.87
N LEU B 376 -16.70 6.47 -14.91
CA LEU B 376 -17.83 5.66 -15.37
C LEU B 376 -17.74 5.40 -16.87
N HIS B 377 -17.29 6.37 -17.65
CA HIS B 377 -17.12 6.16 -19.08
C HIS B 377 -16.07 5.08 -19.35
N ASN B 378 -14.94 5.16 -18.66
CA ASN B 378 -13.90 4.15 -18.84
C ASN B 378 -14.37 2.77 -18.38
N LEU B 379 -15.10 2.73 -17.27
CA LEU B 379 -15.64 1.45 -16.80
C LEU B 379 -16.58 0.85 -17.82
N GLY B 380 -17.47 1.66 -18.39
CA GLY B 380 -18.37 1.15 -19.42
C GLY B 380 -17.62 0.68 -20.66
N ASP B 381 -16.57 1.42 -21.04
CA ASP B 381 -15.80 1.05 -22.22
C ASP B 381 -15.02 -0.24 -22.01
N GLN B 382 -14.56 -0.51 -20.80
CA GLN B 382 -13.66 -1.64 -20.57
C GLN B 382 -14.37 -2.94 -20.23
N ILE B 383 -15.60 -2.89 -19.69
CA ILE B 383 -16.33 -4.12 -19.39
C ILE B 383 -17.29 -4.50 -20.50
N GLY B 384 -17.31 -3.76 -21.61
CA GLY B 384 -18.17 -4.09 -22.73
C GLY B 384 -19.55 -3.50 -22.67
N LYS B 385 -19.78 -2.46 -21.88
CA LYS B 385 -21.09 -1.82 -21.75
C LYS B 385 -20.93 -0.33 -22.01
N PRO B 386 -20.67 0.06 -23.26
CA PRO B 386 -20.45 1.48 -23.56
C PRO B 386 -21.68 2.32 -23.32
N TYR B 387 -21.46 3.54 -22.84
CA TYR B 387 -22.55 4.50 -22.62
C TYR B 387 -23.14 4.96 -23.95
N GLY B 393 -27.24 4.10 -22.00
CA GLY B 393 -27.03 2.80 -21.40
C GLY B 393 -26.10 2.85 -20.19
N GLY B 394 -24.99 2.13 -20.28
CA GLY B 394 -24.01 2.11 -19.22
C GLY B 394 -24.04 0.82 -18.43
N PRO B 395 -23.09 0.68 -17.49
CA PRO B 395 -23.04 -0.54 -16.68
C PRO B 395 -24.21 -0.63 -15.72
N SER B 396 -24.45 -1.85 -15.25
CA SER B 396 -25.49 -2.08 -14.27
C SER B 396 -25.09 -1.51 -12.92
N ILE B 397 -26.07 -1.45 -12.00
CA ILE B 397 -25.80 -0.94 -10.67
C ILE B 397 -24.81 -1.83 -9.94
N LYS B 398 -24.93 -3.15 -10.13
CA LYS B 398 -24.00 -4.07 -9.49
C LYS B 398 -22.57 -3.83 -9.97
N ASP B 399 -22.39 -3.65 -11.28
CA ASP B 399 -21.06 -3.40 -11.82
C ASP B 399 -20.48 -2.10 -11.29
N LYS B 400 -21.30 -1.05 -11.23
CA LYS B 400 -20.83 0.23 -10.71
C LYS B 400 -20.43 0.13 -9.25
N TYR B 401 -21.25 -0.52 -8.42
CA TYR B 401 -20.91 -0.66 -7.01
C TYR B 401 -19.65 -1.49 -6.81
N VAL B 402 -19.53 -2.61 -7.54
CA VAL B 402 -18.35 -3.45 -7.38
C VAL B 402 -17.10 -2.70 -7.82
N THR B 403 -17.18 -1.96 -8.93
CA THR B 403 -16.04 -1.17 -9.38
C THR B 403 -15.66 -0.10 -8.37
N ALA B 404 -16.64 0.60 -7.81
CA ALA B 404 -16.33 1.65 -6.84
C ALA B 404 -15.70 1.06 -5.58
N LEU B 405 -16.26 -0.03 -5.07
CA LEU B 405 -15.71 -0.64 -3.86
C LEU B 405 -14.32 -1.20 -4.11
N TYR B 406 -14.10 -1.79 -5.30
CA TYR B 406 -12.78 -2.31 -5.64
C TYR B 406 -11.74 -1.20 -5.75
N PHE B 407 -12.11 -0.08 -6.39
CA PHE B 407 -11.19 1.05 -6.46
C PHE B 407 -10.88 1.60 -5.07
N THR B 408 -11.91 1.73 -4.23
CA THR B 408 -11.68 2.27 -2.89
C THR B 408 -10.79 1.35 -2.07
N PHE B 409 -11.02 0.04 -2.14
CA PHE B 409 -10.19 -0.90 -1.41
C PHE B 409 -8.75 -0.89 -1.92
N SER B 410 -8.56 -0.80 -3.24
CA SER B 410 -7.21 -0.75 -3.77
C SER B 410 -6.50 0.54 -3.35
N SER B 411 -7.22 1.67 -3.33
CA SER B 411 -6.62 2.91 -2.88
C SER B 411 -6.24 2.87 -1.41
N LEU B 412 -7.11 2.31 -0.57
CA LEU B 412 -6.83 2.25 0.86
C LEU B 412 -5.73 1.25 1.19
N THR B 413 -5.65 0.16 0.43
CA THR B 413 -4.66 -0.88 0.68
C THR B 413 -3.33 -0.61 -0.02
N SER B 414 -3.20 0.51 -0.72
CA SER B 414 -1.96 0.92 -1.37
C SER B 414 -1.55 -0.05 -2.48
N VAL B 415 -2.53 -0.53 -3.23
CA VAL B 415 -2.24 -1.40 -4.37
C VAL B 415 -2.25 -0.57 -5.65
N GLY B 416 -3.36 0.11 -5.94
CA GLY B 416 -3.44 0.92 -7.14
C GLY B 416 -3.34 0.08 -8.39
N PHE B 417 -4.39 -0.70 -8.67
CA PHE B 417 -4.33 -1.70 -9.74
C PHE B 417 -4.15 -1.08 -11.11
N GLY B 418 -4.51 0.18 -11.29
CA GLY B 418 -4.41 0.80 -12.60
C GLY B 418 -5.57 0.53 -13.53
N ASN B 419 -6.55 -0.28 -13.11
CA ASN B 419 -7.76 -0.46 -13.90
C ASN B 419 -8.64 0.78 -13.82
N VAL B 420 -8.82 1.33 -12.63
CA VAL B 420 -9.58 2.55 -12.40
C VAL B 420 -8.63 3.59 -11.84
N SER B 421 -8.50 4.72 -12.54
CA SER B 421 -7.58 5.77 -12.14
C SER B 421 -8.28 7.12 -12.25
N PRO B 422 -8.19 7.97 -11.22
CA PRO B 422 -8.83 9.29 -11.30
C PRO B 422 -8.25 10.13 -12.43
N ASN B 423 -9.15 10.79 -13.16
CA ASN B 423 -8.78 11.58 -14.33
C ASN B 423 -9.49 12.93 -14.36
N THR B 424 -10.04 13.37 -13.23
CA THR B 424 -10.73 14.64 -13.14
C THR B 424 -10.28 15.34 -11.86
N ASN B 425 -10.42 16.67 -11.84
CA ASN B 425 -9.95 17.44 -10.71
C ASN B 425 -10.62 17.00 -9.41
N SER B 426 -11.95 16.84 -9.44
CA SER B 426 -12.65 16.39 -8.24
C SER B 426 -12.22 14.97 -7.86
N GLU B 427 -12.05 14.10 -8.85
CA GLU B 427 -11.62 12.74 -8.57
C GLU B 427 -10.22 12.72 -7.97
N LYS B 428 -9.31 13.55 -8.51
CA LYS B 428 -7.96 13.61 -7.97
C LYS B 428 -7.94 14.15 -6.55
N ILE B 429 -8.75 15.19 -6.28
CA ILE B 429 -8.80 15.74 -4.92
C ILE B 429 -9.37 14.71 -3.95
N PHE B 430 -10.43 14.00 -4.35
CA PHE B 430 -10.99 12.96 -3.51
C PHE B 430 -9.98 11.84 -3.30
N SER B 431 -9.17 11.53 -4.31
CA SER B 431 -8.15 10.51 -4.16
C SER B 431 -7.06 10.96 -3.19
N ILE B 432 -6.69 12.23 -3.22
CA ILE B 432 -5.72 12.76 -2.26
C ILE B 432 -6.28 12.65 -0.84
N CYS B 433 -7.55 13.02 -0.66
CA CYS B 433 -8.18 12.92 0.64
C CYS B 433 -8.24 11.48 1.12
N VAL B 434 -8.56 10.56 0.21
CA VAL B 434 -8.55 9.13 0.53
C VAL B 434 -7.15 8.69 0.93
N MET B 435 -6.13 9.22 0.26
CA MET B 435 -4.75 8.87 0.58
C MET B 435 -4.40 9.29 2.00
N LEU B 436 -4.78 10.51 2.38
CA LEU B 436 -4.49 11.00 3.73
C LEU B 436 -5.26 10.19 4.77
N ILE B 437 -6.58 10.01 4.55
CA ILE B 437 -7.41 9.28 5.49
C ILE B 437 -6.90 7.85 5.64
N GLY B 438 -6.45 7.25 4.54
CA GLY B 438 -5.87 5.92 4.62
C GLY B 438 -4.56 5.91 5.37
N SER B 439 -3.69 6.89 5.14
CA SER B 439 -2.43 6.96 5.87
C SER B 439 -2.68 6.96 7.37
N LEU B 440 -3.70 7.71 7.80
CA LEU B 440 -4.04 7.69 9.23
C LEU B 440 -4.65 6.35 9.64
N MET B 441 -5.74 5.96 8.98
CA MET B 441 -6.60 4.89 9.46
C MET B 441 -5.99 3.50 9.26
N TYR B 442 -5.35 3.26 8.11
CA TYR B 442 -4.65 1.99 7.88
C TYR B 442 -3.58 1.78 8.94
N ALA B 443 -2.73 2.78 9.16
CA ALA B 443 -1.69 2.67 10.17
C ALA B 443 -2.27 2.40 11.54
N SER B 444 -3.26 3.20 11.95
CA SER B 444 -3.81 3.04 13.30
C SER B 444 -4.44 1.67 13.49
N ILE B 445 -5.33 1.27 12.58
CA ILE B 445 -6.07 0.03 12.75
C ILE B 445 -5.14 -1.18 12.68
N PHE B 446 -4.20 -1.18 11.74
CA PHE B 446 -3.33 -2.34 11.64
C PHE B 446 -2.27 -2.38 12.73
N GLY B 447 -1.87 -1.23 13.28
CA GLY B 447 -1.06 -1.26 14.49
C GLY B 447 -1.82 -1.86 15.65
N ASN B 448 -3.10 -1.48 15.80
CA ASN B 448 -3.92 -2.10 16.85
C ASN B 448 -4.07 -3.60 16.63
N VAL B 449 -4.28 -4.00 15.37
CA VAL B 449 -4.44 -5.42 15.07
C VAL B 449 -3.15 -6.18 15.37
N SER B 450 -1.99 -5.57 15.05
CA SER B 450 -0.72 -6.19 15.40
C SER B 450 -0.58 -6.30 16.91
N ALA B 451 -1.04 -5.31 17.65
CA ALA B 451 -1.00 -5.38 19.12
C ALA B 451 -1.86 -6.53 19.63
N ILE B 452 -3.06 -6.72 19.07
CA ILE B 452 -3.90 -7.84 19.47
C ILE B 452 -3.26 -9.16 19.10
N ILE B 453 -2.60 -9.21 17.94
CA ILE B 453 -1.92 -10.45 17.51
C ILE B 453 -0.77 -10.77 18.46
N GLN B 454 -0.09 -9.74 18.97
CA GLN B 454 0.98 -9.96 19.93
C GLN B 454 0.49 -10.69 21.17
N ARG B 455 -0.77 -10.49 21.55
CA ARG B 455 -1.36 -11.20 22.68
C ARG B 455 -1.47 -12.68 22.38
N LYS C 197 13.33 -39.56 16.07
CA LYS C 197 11.92 -39.24 15.88
C LYS C 197 11.75 -37.82 15.34
N ALA C 198 12.68 -36.93 15.70
CA ALA C 198 12.63 -35.56 15.22
C ALA C 198 12.80 -35.51 13.71
N VAL C 199 13.75 -36.27 13.18
CA VAL C 199 13.95 -36.33 11.73
C VAL C 199 12.69 -36.85 11.05
N TRP C 200 12.01 -37.80 11.69
CA TRP C 200 10.78 -38.35 11.12
C TRP C 200 9.70 -37.27 10.99
N ASP C 201 9.52 -36.46 12.03
CA ASP C 201 8.48 -35.44 11.96
C ASP C 201 8.88 -34.29 11.04
N TRP C 202 10.17 -33.99 10.92
CA TRP C 202 10.60 -33.00 9.95
C TRP C 202 10.34 -33.48 8.52
N LEU C 203 10.61 -34.77 8.26
CA LEU C 203 10.28 -35.33 6.95
C LEU C 203 8.78 -35.35 6.71
N ILE C 204 8.00 -35.58 7.77
CA ILE C 204 6.54 -35.51 7.66
C ILE C 204 6.11 -34.10 7.29
N LEU C 205 6.73 -33.09 7.90
CA LEU C 205 6.46 -31.70 7.53
C LEU C 205 6.80 -31.44 6.07
N LEU C 206 7.94 -31.96 5.61
CA LEU C 206 8.33 -31.77 4.21
C LEU C 206 7.30 -32.39 3.28
N LEU C 207 6.85 -33.60 3.58
CA LEU C 207 5.86 -34.24 2.72
C LEU C 207 4.50 -33.54 2.79
N VAL C 208 4.14 -33.01 3.95
CA VAL C 208 2.90 -32.24 4.06
C VAL C 208 2.98 -30.99 3.19
N ILE C 209 4.13 -30.32 3.20
CA ILE C 209 4.32 -29.16 2.33
C ILE C 209 4.21 -29.60 0.87
N TYR C 210 4.79 -30.75 0.53
CA TYR C 210 4.72 -31.24 -0.85
C TYR C 210 3.29 -31.45 -1.29
N THR C 211 2.48 -32.14 -0.48
CA THR C 211 1.11 -32.41 -0.89
C THR C 211 0.27 -31.14 -0.91
N ALA C 212 0.53 -30.21 0.01
CA ALA C 212 -0.16 -28.93 -0.02
C ALA C 212 0.18 -28.14 -1.29
N VAL C 213 1.40 -28.28 -1.79
CA VAL C 213 1.75 -27.63 -3.05
C VAL C 213 1.07 -28.31 -4.22
N PHE C 214 1.10 -29.64 -4.25
CA PHE C 214 0.74 -30.38 -5.46
C PHE C 214 -0.73 -30.76 -5.55
N THR C 215 -1.52 -30.58 -4.50
CA THR C 215 -2.93 -30.95 -4.62
C THR C 215 -3.74 -29.88 -5.34
N PRO C 216 -3.72 -28.60 -4.92
CA PRO C 216 -4.51 -27.60 -5.65
C PRO C 216 -4.06 -27.40 -7.09
N TYR C 217 -2.75 -27.55 -7.37
CA TYR C 217 -2.28 -27.43 -8.74
C TYR C 217 -2.91 -28.49 -9.62
N SER C 218 -2.92 -29.75 -9.16
CA SER C 218 -3.53 -30.81 -9.95
C SER C 218 -5.04 -30.65 -10.01
N ALA C 219 -5.65 -30.05 -8.99
CA ALA C 219 -7.09 -29.85 -9.00
C ALA C 219 -7.49 -28.79 -10.02
N ALA C 220 -6.72 -27.70 -10.11
CA ALA C 220 -7.10 -26.57 -10.95
C ALA C 220 -6.48 -26.63 -12.35
N PHE C 221 -5.15 -26.64 -12.43
CA PHE C 221 -4.48 -26.54 -13.72
C PHE C 221 -4.53 -27.85 -14.50
N LEU C 222 -4.55 -28.99 -13.82
CA LEU C 222 -4.66 -30.27 -14.49
C LEU C 222 -6.13 -30.58 -14.73
N LEU C 223 -6.41 -31.83 -15.14
CA LEU C 223 -7.78 -32.27 -15.45
C LEU C 223 -8.39 -31.40 -16.55
N LYS C 224 -7.67 -31.28 -17.65
CA LYS C 224 -8.14 -30.50 -18.80
C LYS C 224 -9.16 -31.29 -19.61
N LEU C 242 4.37 -37.21 -12.08
CA LEU C 242 3.67 -38.48 -12.22
C LEU C 242 3.00 -38.90 -10.92
N ALA C 243 2.36 -40.06 -10.92
CA ALA C 243 1.67 -40.58 -9.74
C ALA C 243 2.58 -41.37 -8.81
N VAL C 244 3.81 -41.68 -9.23
CA VAL C 244 4.70 -42.43 -8.36
C VAL C 244 5.07 -41.62 -7.13
N VAL C 245 5.21 -40.30 -7.28
CA VAL C 245 5.60 -39.46 -6.15
C VAL C 245 4.50 -39.42 -5.09
N ASP C 246 3.25 -39.19 -5.52
CA ASP C 246 2.17 -39.14 -4.55
C ASP C 246 1.87 -40.52 -3.98
N LEU C 247 2.07 -41.57 -4.78
CA LEU C 247 1.93 -42.93 -4.25
C LEU C 247 2.93 -43.19 -3.14
N ILE C 248 4.19 -42.79 -3.36
CA ILE C 248 5.21 -42.94 -2.32
C ILE C 248 4.86 -42.12 -1.10
N VAL C 249 4.37 -40.90 -1.31
CA VAL C 249 4.03 -40.02 -0.19
C VAL C 249 2.91 -40.63 0.65
N ASP C 250 1.85 -41.12 -0.01
CA ASP C 250 0.74 -41.68 0.75
C ASP C 250 1.13 -42.99 1.43
N ILE C 251 1.99 -43.79 0.80
CA ILE C 251 2.48 -45.00 1.44
C ILE C 251 3.28 -44.66 2.68
N MET C 252 4.14 -43.64 2.59
CA MET C 252 4.94 -43.24 3.74
C MET C 252 4.07 -42.66 4.85
N PHE C 253 3.00 -41.95 4.49
CA PHE C 253 2.08 -41.47 5.51
C PHE C 253 1.30 -42.60 6.16
N ILE C 254 0.99 -43.66 5.41
CA ILE C 254 0.39 -44.84 6.01
C ILE C 254 1.38 -45.50 6.97
N VAL C 255 2.67 -45.52 6.61
CA VAL C 255 3.69 -46.01 7.52
C VAL C 255 3.72 -45.17 8.79
N ASP C 256 3.60 -43.84 8.64
CA ASP C 256 3.60 -42.95 9.80
C ASP C 256 2.39 -43.21 10.69
N ILE C 257 1.21 -43.40 10.10
CA ILE C 257 0.02 -43.66 10.92
C ILE C 257 0.12 -45.02 11.60
N LEU C 258 0.77 -45.99 10.95
CA LEU C 258 1.05 -47.26 11.61
C LEU C 258 1.97 -47.06 12.80
N ILE C 259 2.99 -46.20 12.65
CA ILE C 259 3.88 -45.88 13.76
C ILE C 259 3.10 -45.24 14.91
N ASN C 260 2.18 -44.33 14.57
CA ASN C 260 1.40 -43.63 15.58
C ASN C 260 0.31 -44.49 16.21
N PHE C 261 0.20 -45.76 15.83
CA PHE C 261 -0.78 -46.68 16.38
C PHE C 261 -2.21 -46.18 16.15
N GLY C 277 0.32 -50.79 22.55
CA GLY C 277 -1.06 -51.21 22.73
C GLY C 277 -1.80 -50.40 23.78
N ARG C 278 -1.06 -49.87 24.75
CA ARG C 278 -1.68 -49.07 25.80
C ARG C 278 -2.06 -47.68 25.30
N ILE C 279 -1.32 -47.13 24.34
CA ILE C 279 -1.59 -45.79 23.83
C ILE C 279 -2.47 -45.80 22.59
N ALA C 280 -2.85 -46.97 22.08
CA ALA C 280 -3.68 -47.04 20.89
C ALA C 280 -5.06 -46.44 21.14
N VAL C 281 -5.66 -46.74 22.30
CA VAL C 281 -6.97 -46.20 22.62
C VAL C 281 -6.92 -44.70 22.80
N HIS C 282 -5.85 -44.20 23.44
CA HIS C 282 -5.71 -42.76 23.62
C HIS C 282 -5.59 -42.04 22.28
N TYR C 283 -4.82 -42.60 21.35
CA TYR C 283 -4.69 -41.99 20.03
C TYR C 283 -6.01 -42.07 19.27
N PHE C 284 -6.72 -43.19 19.39
CA PHE C 284 -8.01 -43.33 18.72
C PHE C 284 -9.01 -42.30 19.23
N LYS C 285 -8.99 -42.04 20.54
CA LYS C 285 -9.86 -41.03 21.12
C LYS C 285 -9.44 -39.61 20.75
N GLY C 286 -8.24 -39.43 20.20
CA GLY C 286 -7.74 -38.11 19.90
C GLY C 286 -7.82 -37.70 18.45
N TRP C 287 -6.69 -37.79 17.74
CA TRP C 287 -6.55 -37.27 16.38
C TRP C 287 -6.68 -38.35 15.31
N PHE C 288 -7.14 -39.55 15.66
CA PHE C 288 -7.15 -40.64 14.70
C PHE C 288 -8.10 -40.38 13.54
N LEU C 289 -9.28 -39.83 13.83
CA LEU C 289 -10.29 -39.65 12.78
C LEU C 289 -9.84 -38.65 11.72
N ILE C 290 -9.20 -37.56 12.15
CA ILE C 290 -8.79 -36.52 11.21
C ILE C 290 -7.75 -37.08 10.23
N ASP C 291 -6.81 -37.86 10.72
CA ASP C 291 -5.87 -38.53 9.83
C ASP C 291 -6.58 -39.57 8.96
N MET C 292 -7.53 -40.30 9.54
CA MET C 292 -8.19 -41.39 8.82
C MET C 292 -8.95 -40.87 7.61
N VAL C 293 -9.69 -39.77 7.76
CA VAL C 293 -10.42 -39.25 6.62
C VAL C 293 -9.46 -38.73 5.56
N ALA C 294 -8.29 -38.23 5.97
CA ALA C 294 -7.29 -37.72 5.04
C ALA C 294 -6.38 -38.81 4.49
N ALA C 295 -6.56 -40.07 4.89
CA ALA C 295 -5.70 -41.16 4.44
C ALA C 295 -6.42 -42.21 3.62
N ILE C 296 -7.74 -42.15 3.51
CA ILE C 296 -8.50 -43.14 2.74
C ILE C 296 -8.39 -42.81 1.25
N PRO C 297 -7.93 -43.74 0.42
CA PRO C 297 -7.92 -43.49 -1.03
C PRO C 297 -9.33 -43.41 -1.58
N PHE C 298 -9.48 -42.60 -2.63
CA PHE C 298 -10.77 -42.37 -3.27
C PHE C 298 -10.89 -43.06 -4.61
N ASP C 299 -10.02 -44.03 -4.89
CA ASP C 299 -10.10 -44.76 -6.16
C ASP C 299 -11.35 -45.62 -6.20
N LEU C 300 -12.01 -45.61 -7.36
CA LEU C 300 -13.24 -46.38 -7.55
C LEU C 300 -13.52 -46.58 -9.02
N LEU C 310 -16.10 -33.98 -11.38
CA LEU C 310 -16.38 -34.02 -9.94
C LEU C 310 -15.89 -35.34 -9.33
N ILE C 311 -15.90 -36.40 -10.14
CA ILE C 311 -15.47 -37.71 -9.66
C ILE C 311 -13.98 -37.69 -9.28
N GLY C 312 -13.16 -37.07 -10.12
CA GLY C 312 -11.74 -36.95 -9.85
C GLY C 312 -11.34 -35.81 -8.95
N LEU C 313 -12.30 -35.00 -8.50
CA LEU C 313 -12.03 -33.85 -7.66
C LEU C 313 -11.98 -34.21 -6.17
N LEU C 314 -12.32 -35.45 -5.81
CA LEU C 314 -12.35 -35.86 -4.40
C LEU C 314 -10.98 -35.86 -3.74
N LYS C 315 -9.90 -35.77 -4.52
CA LYS C 315 -8.56 -35.76 -3.96
C LYS C 315 -8.23 -34.48 -3.21
N THR C 316 -9.10 -33.46 -3.25
CA THR C 316 -8.87 -32.25 -2.49
C THR C 316 -8.92 -32.47 -0.98
N ALA C 317 -9.47 -33.60 -0.53
CA ALA C 317 -9.51 -33.92 0.90
C ALA C 317 -8.14 -34.23 1.48
N ARG C 318 -7.14 -34.50 0.64
CA ARG C 318 -5.79 -34.75 1.12
C ARG C 318 -5.13 -33.50 1.68
N LEU C 319 -5.72 -32.33 1.46
CA LEU C 319 -5.20 -31.09 2.04
C LEU C 319 -5.40 -31.01 3.55
N LEU C 320 -6.18 -31.93 4.13
CA LEU C 320 -6.43 -31.94 5.56
C LEU C 320 -5.19 -32.25 6.38
N ARG C 321 -4.10 -32.70 5.74
CA ARG C 321 -2.89 -33.09 6.46
C ARG C 321 -2.15 -31.91 7.08
N LEU C 322 -2.59 -30.67 6.82
CA LEU C 322 -1.91 -29.52 7.40
C LEU C 322 -2.03 -29.48 8.92
N VAL C 323 -3.11 -30.04 9.47
CA VAL C 323 -3.25 -30.06 10.93
C VAL C 323 -2.22 -30.99 11.56
N ARG C 324 -1.66 -31.92 10.79
CA ARG C 324 -0.56 -32.73 11.28
C ARG C 324 0.63 -31.85 11.66
N VAL C 325 0.83 -30.75 10.94
CA VAL C 325 1.85 -29.78 11.30
C VAL C 325 1.31 -28.79 12.32
N ALA C 326 0.03 -28.44 12.24
CA ALA C 326 -0.55 -27.48 13.18
C ALA C 326 -0.57 -28.03 14.61
N ARG C 327 -0.79 -29.34 14.76
CA ARG C 327 -0.91 -29.91 16.10
C ARG C 327 0.42 -29.89 16.84
N LYS C 328 1.53 -30.07 16.12
CA LYS C 328 2.86 -30.14 16.71
C LYS C 328 3.70 -28.91 16.37
N LEU C 329 3.06 -27.73 16.35
CA LEU C 329 3.77 -26.50 16.03
C LEU C 329 4.83 -26.15 17.09
N ASP C 330 4.70 -26.68 18.30
CA ASP C 330 5.72 -26.45 19.32
C ASP C 330 7.07 -27.01 18.89
N ARG C 331 7.07 -28.24 18.36
CA ARG C 331 8.31 -28.85 17.91
C ARG C 331 8.98 -28.01 16.83
N TYR C 332 8.19 -27.43 15.93
CA TYR C 332 8.76 -26.63 14.85
C TYR C 332 9.15 -25.23 15.30
N SER C 333 8.56 -24.71 16.37
CA SER C 333 8.84 -23.37 16.85
C SER C 333 10.01 -23.33 17.83
N GLU C 334 10.90 -24.33 17.80
CA GLU C 334 12.02 -24.37 18.73
C GLU C 334 13.16 -23.46 18.32
N TYR C 335 13.17 -22.97 17.07
CA TYR C 335 14.21 -22.08 16.58
C TYR C 335 13.58 -20.88 15.88
N GLY C 336 14.25 -19.74 15.96
CA GLY C 336 13.77 -18.56 15.26
C GLY C 336 13.84 -18.72 13.75
N ALA C 337 14.92 -19.31 13.25
CA ALA C 337 15.04 -19.54 11.81
C ALA C 337 13.96 -20.47 11.31
N ALA C 338 13.61 -21.49 12.08
CA ALA C 338 12.54 -22.39 11.69
C ALA C 338 11.21 -21.66 11.59
N VAL C 339 10.93 -20.77 12.54
CA VAL C 339 9.69 -20.00 12.50
C VAL C 339 9.69 -19.07 11.30
N LEU C 340 10.83 -18.43 11.01
CA LEU C 340 10.92 -17.55 9.85
C LEU C 340 10.65 -18.32 8.56
N PHE C 341 11.28 -19.48 8.41
CA PHE C 341 11.08 -20.29 7.21
C PHE C 341 9.63 -20.78 7.12
N LEU C 342 9.02 -21.12 8.25
CA LEU C 342 7.63 -21.56 8.23
C LEU C 342 6.71 -20.43 7.81
N LEU C 343 6.97 -19.20 8.29
CA LEU C 343 6.17 -18.06 7.87
C LEU C 343 6.30 -17.80 6.38
N MET C 344 7.53 -17.83 5.87
CA MET C 344 7.70 -17.64 4.43
C MET C 344 7.04 -18.76 3.63
N CYS C 345 7.14 -19.99 4.12
CA CYS C 345 6.55 -21.13 3.42
C CYS C 345 5.03 -21.02 3.38
N THR C 346 4.40 -20.62 4.50
CA THR C 346 2.95 -20.50 4.48
C THR C 346 2.49 -19.30 3.67
N PHE C 347 3.28 -18.21 3.63
CA PHE C 347 2.94 -17.09 2.77
C PHE C 347 2.96 -17.52 1.31
N ALA C 348 4.01 -18.24 0.90
CA ALA C 348 4.06 -18.74 -0.46
C ALA C 348 2.96 -19.76 -0.73
N LEU C 349 2.58 -20.55 0.27
CA LEU C 349 1.54 -21.54 0.09
C LEU C 349 0.17 -20.88 -0.11
N ILE C 350 -0.12 -19.83 0.67
CA ILE C 350 -1.36 -19.10 0.46
C ILE C 350 -1.35 -18.40 -0.89
N ALA C 351 -0.19 -17.89 -1.32
CA ALA C 351 -0.10 -17.32 -2.66
C ALA C 351 -0.39 -18.36 -3.73
N HIS C 352 0.12 -19.58 -3.56
CA HIS C 352 -0.14 -20.64 -4.53
C HIS C 352 -1.61 -21.03 -4.54
N TRP C 353 -2.23 -21.16 -3.37
CA TRP C 353 -3.64 -21.51 -3.31
C TRP C 353 -4.50 -20.44 -3.96
N LEU C 354 -4.20 -19.17 -3.67
CA LEU C 354 -4.95 -18.09 -4.29
C LEU C 354 -4.70 -18.01 -5.79
N ALA C 355 -3.50 -18.38 -6.24
CA ALA C 355 -3.24 -18.45 -7.68
C ALA C 355 -4.09 -19.51 -8.34
N CYS C 356 -4.22 -20.68 -7.69
CA CYS C 356 -5.08 -21.73 -8.22
C CYS C 356 -6.54 -21.27 -8.27
N ILE C 357 -7.00 -20.60 -7.22
CA ILE C 357 -8.38 -20.10 -7.21
C ILE C 357 -8.58 -19.05 -8.30
N TRP C 358 -7.58 -18.18 -8.49
CA TRP C 358 -7.65 -17.16 -9.53
C TRP C 358 -7.73 -17.78 -10.91
N TYR C 359 -6.93 -18.81 -11.16
CA TYR C 359 -7.01 -19.50 -12.44
C TYR C 359 -8.35 -20.20 -12.62
N ALA C 360 -8.88 -20.80 -11.55
CA ALA C 360 -10.19 -21.44 -11.66
C ALA C 360 -11.27 -20.42 -12.00
N ILE C 361 -11.24 -19.25 -11.36
CA ILE C 361 -12.19 -18.19 -11.66
C ILE C 361 -12.05 -17.73 -13.11
N GLY C 362 -10.81 -17.53 -13.56
CA GLY C 362 -10.59 -17.10 -14.92
C GLY C 362 -11.02 -18.13 -15.96
N ASN C 363 -10.84 -19.41 -15.64
CA ASN C 363 -11.21 -20.48 -16.57
C ASN C 363 -12.72 -20.71 -16.62
N MET C 364 -13.41 -20.58 -15.48
CA MET C 364 -14.85 -20.80 -15.48
C MET C 364 -15.60 -19.78 -16.32
N GLU C 365 -15.02 -18.60 -16.54
CA GLU C 365 -15.61 -17.59 -17.40
C GLU C 365 -14.97 -17.54 -18.78
N GLN C 366 -14.01 -18.42 -19.05
CA GLN C 366 -13.30 -18.36 -20.33
C GLN C 366 -14.19 -18.59 -21.55
N PRO C 367 -15.02 -19.63 -21.62
CA PRO C 367 -15.81 -19.87 -22.83
C PRO C 367 -17.03 -18.98 -22.98
N HIS C 368 -17.19 -17.97 -22.15
CA HIS C 368 -18.33 -17.06 -22.25
C HIS C 368 -18.01 -15.88 -23.18
N ARG C 372 -13.15 -10.75 -24.63
CA ARG C 372 -11.85 -10.22 -24.27
C ARG C 372 -11.92 -9.50 -22.93
N ILE C 373 -12.75 -10.01 -22.03
CA ILE C 373 -12.99 -9.37 -20.74
C ILE C 373 -12.18 -10.03 -19.64
N GLY C 374 -12.06 -11.36 -19.65
CA GLY C 374 -11.31 -12.04 -18.61
C GLY C 374 -9.82 -11.78 -18.72
N TRP C 375 -9.11 -12.19 -17.67
CA TRP C 375 -7.66 -11.99 -17.64
C TRP C 375 -6.91 -12.97 -18.53
N LEU C 376 -7.50 -14.11 -18.86
CA LEU C 376 -6.84 -15.05 -19.76
C LEU C 376 -6.71 -14.49 -21.16
N HIS C 377 -7.73 -13.80 -21.66
CA HIS C 377 -7.64 -13.19 -22.97
C HIS C 377 -6.56 -12.12 -23.01
N ASN C 378 -6.51 -11.27 -21.99
CA ASN C 378 -5.47 -10.25 -21.92
C ASN C 378 -4.09 -10.87 -21.86
N LEU C 379 -3.94 -11.94 -21.07
CA LEU C 379 -2.65 -12.65 -21.02
C LEU C 379 -2.26 -13.18 -22.39
N GLY C 380 -3.22 -13.78 -23.10
CA GLY C 380 -2.94 -14.27 -24.43
C GLY C 380 -2.46 -13.16 -25.37
N ASP C 381 -3.14 -12.02 -25.35
CA ASP C 381 -2.74 -10.91 -26.22
C ASP C 381 -1.36 -10.38 -25.85
N GLN C 382 -1.10 -10.18 -24.56
CA GLN C 382 0.16 -9.57 -24.14
C GLN C 382 1.35 -10.46 -24.47
N ILE C 383 1.23 -11.77 -24.21
CA ILE C 383 2.34 -12.69 -24.43
C ILE C 383 2.54 -13.02 -25.90
N GLY C 384 1.73 -12.44 -26.78
CA GLY C 384 1.83 -12.75 -28.20
C GLY C 384 1.34 -14.13 -28.56
N LYS C 385 0.38 -14.66 -27.81
CA LYS C 385 -0.21 -15.97 -28.07
C LYS C 385 -1.73 -15.83 -27.98
N PRO C 386 -2.35 -15.21 -28.99
CA PRO C 386 -3.80 -14.98 -28.93
C PRO C 386 -4.58 -16.28 -28.87
N TYR C 387 -5.71 -16.23 -28.16
CA TYR C 387 -6.58 -17.39 -28.02
C TYR C 387 -7.18 -17.79 -29.36
N GLY C 393 -4.81 -21.64 -29.41
CA GLY C 393 -4.62 -22.41 -28.20
C GLY C 393 -4.34 -21.56 -26.98
N GLY C 394 -3.91 -20.33 -27.20
CA GLY C 394 -3.62 -19.41 -26.14
C GLY C 394 -2.34 -19.75 -25.40
N PRO C 395 -2.13 -19.14 -24.24
CA PRO C 395 -0.93 -19.43 -23.45
C PRO C 395 -0.91 -20.87 -22.95
N SER C 396 0.30 -21.38 -22.75
CA SER C 396 0.48 -22.73 -22.26
C SER C 396 0.19 -22.78 -20.76
N ILE C 397 0.31 -23.99 -20.18
CA ILE C 397 0.07 -24.15 -18.75
C ILE C 397 1.13 -23.39 -17.95
N LYS C 398 2.38 -23.44 -18.40
CA LYS C 398 3.44 -22.73 -17.71
C LYS C 398 3.17 -21.23 -17.66
N ASP C 399 2.81 -20.65 -18.80
CA ASP C 399 2.54 -19.22 -18.86
C ASP C 399 1.36 -18.85 -17.97
N LYS C 400 0.29 -19.65 -18.01
CA LYS C 400 -0.89 -19.34 -17.21
C LYS C 400 -0.60 -19.42 -15.72
N TYR C 401 0.10 -20.47 -15.28
CA TYR C 401 0.44 -20.59 -13.87
C TYR C 401 1.37 -19.46 -13.42
N VAL C 402 2.37 -19.14 -14.24
CA VAL C 402 3.30 -18.08 -13.87
C VAL C 402 2.57 -16.74 -13.77
N THR C 403 1.67 -16.47 -14.72
CA THR C 403 0.92 -15.21 -14.68
C THR C 403 0.00 -15.16 -13.46
N ALA C 404 -0.69 -16.26 -13.14
CA ALA C 404 -1.56 -16.26 -11.97
C ALA C 404 -0.76 -16.06 -10.69
N LEU C 405 0.38 -16.74 -10.56
CA LEU C 405 1.21 -16.59 -9.37
C LEU C 405 1.78 -15.18 -9.27
N TYR C 406 2.18 -14.60 -10.40
CA TYR C 406 2.72 -13.25 -10.41
C TYR C 406 1.67 -12.23 -10.02
N PHE C 407 0.46 -12.34 -10.57
CA PHE C 407 -0.62 -11.43 -10.17
C PHE C 407 -0.93 -11.58 -8.69
N THR C 408 -1.02 -12.82 -8.20
CA THR C 408 -1.36 -13.02 -6.80
C THR C 408 -0.28 -12.46 -5.88
N PHE C 409 0.99 -12.69 -6.21
CA PHE C 409 2.07 -12.15 -5.39
C PHE C 409 2.06 -10.63 -5.40
N SER C 410 1.84 -10.03 -6.57
CA SER C 410 1.80 -8.57 -6.64
C SER C 410 0.65 -8.01 -5.82
N SER C 411 -0.52 -8.66 -5.86
CA SER C 411 -1.66 -8.18 -5.07
C SER C 411 -1.40 -8.35 -3.58
N LEU C 412 -0.86 -9.51 -3.17
CA LEU C 412 -0.61 -9.74 -1.75
C LEU C 412 0.43 -8.77 -1.20
N THR C 413 1.50 -8.52 -1.95
CA THR C 413 2.53 -7.59 -1.53
C THR C 413 2.14 -6.13 -1.74
N SER C 414 0.96 -5.89 -2.32
CA SER C 414 0.44 -4.53 -2.52
C SER C 414 1.32 -3.72 -3.48
N VAL C 415 1.71 -4.35 -4.58
CA VAL C 415 2.45 -3.63 -5.62
C VAL C 415 1.48 -3.15 -6.68
N GLY C 416 0.74 -4.08 -7.28
CA GLY C 416 -0.21 -3.74 -8.32
C GLY C 416 0.47 -3.27 -9.59
N PHE C 417 1.16 -4.19 -10.27
CA PHE C 417 1.98 -3.82 -11.40
C PHE C 417 1.18 -3.24 -12.56
N GLY C 418 -0.11 -3.56 -12.67
CA GLY C 418 -0.93 -3.06 -13.74
C GLY C 418 -0.91 -3.92 -14.99
N ASN C 419 0.00 -4.88 -15.09
CA ASN C 419 -0.03 -5.82 -16.20
C ASN C 419 -1.28 -6.67 -16.18
N VAL C 420 -1.66 -7.16 -15.00
CA VAL C 420 -2.86 -7.97 -14.81
C VAL C 420 -3.79 -7.20 -13.89
N SER C 421 -5.01 -6.94 -14.36
CA SER C 421 -5.99 -6.18 -13.60
C SER C 421 -7.34 -6.88 -13.70
N PRO C 422 -8.01 -7.13 -12.57
CA PRO C 422 -9.35 -7.72 -12.63
C PRO C 422 -10.31 -6.85 -13.41
N ASN C 423 -11.18 -7.49 -14.18
CA ASN C 423 -12.09 -6.80 -15.08
C ASN C 423 -13.55 -7.22 -14.97
N THR C 424 -13.84 -8.43 -14.49
CA THR C 424 -15.20 -8.85 -14.25
C THR C 424 -15.54 -8.74 -12.77
N ASN C 425 -16.82 -8.87 -12.47
CA ASN C 425 -17.27 -8.71 -11.08
C ASN C 425 -16.68 -9.79 -10.19
N SER C 426 -16.63 -11.03 -10.66
CA SER C 426 -16.06 -12.10 -9.88
C SER C 426 -14.57 -11.86 -9.61
N GLU C 427 -13.84 -11.42 -10.65
CA GLU C 427 -12.43 -11.10 -10.47
C GLU C 427 -12.25 -9.95 -9.50
N LYS C 428 -13.11 -8.93 -9.58
CA LYS C 428 -13.00 -7.79 -8.67
C LYS C 428 -13.25 -8.21 -7.22
N ILE C 429 -14.27 -9.03 -6.98
CA ILE C 429 -14.55 -9.46 -5.61
C ILE C 429 -13.42 -10.34 -5.08
N PHE C 430 -12.93 -11.27 -5.90
CA PHE C 430 -11.82 -12.10 -5.47
C PHE C 430 -10.57 -11.26 -5.21
N SER C 431 -10.37 -10.21 -6.00
CA SER C 431 -9.23 -9.33 -5.79
C SER C 431 -9.38 -8.54 -4.48
N ILE C 432 -10.60 -8.13 -4.15
CA ILE C 432 -10.83 -7.48 -2.86
C ILE C 432 -10.45 -8.42 -1.72
N CYS C 433 -10.90 -9.67 -1.81
CA CYS C 433 -10.57 -10.65 -0.79
C CYS C 433 -9.06 -10.86 -0.71
N VAL C 434 -8.38 -10.90 -1.86
CA VAL C 434 -6.94 -11.10 -1.88
C VAL C 434 -6.22 -9.92 -1.26
N MET C 435 -6.73 -8.70 -1.50
CA MET C 435 -6.12 -7.52 -0.89
C MET C 435 -6.22 -7.57 0.64
N LEU C 436 -7.39 -7.95 1.15
CA LEU C 436 -7.54 -8.06 2.60
C LEU C 436 -6.62 -9.15 3.15
N ILE C 437 -6.56 -10.30 2.47
CA ILE C 437 -5.72 -11.40 2.90
C ILE C 437 -4.26 -10.98 2.92
N GLY C 438 -3.82 -10.26 1.89
CA GLY C 438 -2.45 -9.82 1.83
C GLY C 438 -2.10 -8.80 2.89
N SER C 439 -3.03 -7.89 3.18
CA SER C 439 -2.80 -6.95 4.27
C SER C 439 -2.62 -7.67 5.60
N LEU C 440 -3.49 -8.66 5.87
CA LEU C 440 -3.36 -9.44 7.10
C LEU C 440 -2.05 -10.20 7.12
N MET C 441 -1.70 -10.83 5.99
CA MET C 441 -0.42 -11.51 5.86
C MET C 441 0.75 -10.62 6.24
N TYR C 442 0.87 -9.47 5.57
CA TYR C 442 1.97 -8.56 5.89
C TYR C 442 1.96 -8.18 7.36
N ALA C 443 0.82 -7.69 7.85
CA ALA C 443 0.75 -7.24 9.24
C ALA C 443 1.26 -8.32 10.19
N SER C 444 0.56 -9.47 10.24
CA SER C 444 0.88 -10.48 11.23
C SER C 444 2.27 -11.08 11.02
N ILE C 445 2.54 -11.56 9.80
CA ILE C 445 3.78 -12.28 9.55
C ILE C 445 4.99 -11.38 9.80
N PHE C 446 4.96 -10.15 9.27
CA PHE C 446 6.15 -9.33 9.38
C PHE C 446 6.24 -8.60 10.71
N GLY C 447 5.14 -8.47 11.46
CA GLY C 447 5.28 -8.14 12.87
C GLY C 447 6.02 -9.23 13.62
N ASN C 448 5.67 -10.49 13.35
CA ASN C 448 6.43 -11.59 13.95
C ASN C 448 7.89 -11.56 13.51
N VAL C 449 8.13 -11.25 12.23
CA VAL C 449 9.51 -11.20 11.72
C VAL C 449 10.30 -10.12 12.45
N SER C 450 9.70 -8.94 12.62
CA SER C 450 10.37 -7.88 13.36
C SER C 450 10.62 -8.29 14.81
N ALA C 451 9.70 -9.05 15.40
CA ALA C 451 9.92 -9.56 16.75
C ALA C 451 11.12 -10.49 16.80
N ILE C 452 11.25 -11.38 15.82
CA ILE C 452 12.34 -12.36 15.85
C ILE C 452 13.68 -11.69 15.57
N ILE C 453 13.74 -10.76 14.62
CA ILE C 453 15.04 -10.31 14.12
C ILE C 453 15.84 -9.60 15.22
N GLN C 454 15.15 -8.85 16.08
CA GLN C 454 15.86 -8.12 17.14
C GLN C 454 16.53 -9.08 18.12
N ARG C 455 15.87 -10.17 18.46
CA ARG C 455 16.42 -11.15 19.38
C ARG C 455 17.53 -11.96 18.71
N LYS D 197 1.10 35.73 25.19
CA LYS D 197 2.15 35.49 24.20
C LYS D 197 1.92 34.18 23.46
N ALA D 198 1.20 33.26 24.11
CA ALA D 198 0.90 31.98 23.46
C ALA D 198 0.08 32.19 22.19
N VAL D 199 -0.89 33.10 22.23
CA VAL D 199 -1.67 33.42 21.04
C VAL D 199 -0.75 33.93 19.94
N TRP D 200 0.23 34.75 20.30
CA TRP D 200 1.20 35.23 19.31
C TRP D 200 2.00 34.08 18.73
N ASP D 201 2.42 33.12 19.56
CA ASP D 201 3.18 31.98 19.07
C ASP D 201 2.37 31.14 18.10
N TRP D 202 1.10 30.89 18.42
CA TRP D 202 0.27 30.08 17.52
C TRP D 202 -0.04 30.83 16.24
N LEU D 203 -0.23 32.15 16.31
CA LEU D 203 -0.42 32.94 15.10
C LEU D 203 0.83 32.91 14.23
N ILE D 204 2.01 32.97 14.86
CA ILE D 204 3.25 32.88 14.11
C ILE D 204 3.39 31.51 13.46
N LEU D 205 2.96 30.46 14.15
CA LEU D 205 2.95 29.13 13.54
C LEU D 205 2.04 29.09 12.32
N LEU D 206 0.85 29.69 12.43
CA LEU D 206 -0.06 29.72 11.29
C LEU D 206 0.53 30.49 10.12
N LEU D 207 1.19 31.62 10.39
CA LEU D 207 1.82 32.38 9.32
C LEU D 207 3.00 31.63 8.71
N VAL D 208 3.74 30.86 9.52
CA VAL D 208 4.82 30.04 9.00
C VAL D 208 4.26 28.98 8.07
N ILE D 209 3.16 28.34 8.46
CA ILE D 209 2.51 27.36 7.58
C ILE D 209 2.07 28.04 6.28
N TYR D 210 1.48 29.24 6.40
CA TYR D 210 1.04 29.97 5.21
C TYR D 210 2.18 30.23 4.25
N THR D 211 3.30 30.75 4.77
CA THR D 211 4.41 31.09 3.88
C THR D 211 5.06 29.83 3.31
N ALA D 212 5.21 28.78 4.11
CA ALA D 212 5.76 27.53 3.61
C ALA D 212 4.87 26.92 2.53
N VAL D 213 3.58 27.23 2.56
CA VAL D 213 2.68 26.75 1.52
C VAL D 213 2.78 27.63 0.27
N PHE D 214 2.86 28.95 0.45
CA PHE D 214 2.61 29.86 -0.66
C PHE D 214 3.84 30.45 -1.33
N THR D 215 5.03 30.39 -0.71
CA THR D 215 6.16 30.88 -1.49
C THR D 215 6.68 29.83 -2.49
N PRO D 216 6.76 28.53 -2.16
CA PRO D 216 7.19 27.59 -3.21
C PRO D 216 6.17 27.43 -4.30
N TYR D 217 4.87 27.49 -3.97
CA TYR D 217 3.84 27.46 -5.00
C TYR D 217 3.99 28.62 -5.96
N SER D 218 4.18 29.83 -5.42
CA SER D 218 4.35 31.00 -6.27
C SER D 218 5.58 30.86 -7.15
N ALA D 219 6.70 30.44 -6.55
CA ALA D 219 7.94 30.31 -7.31
C ALA D 219 7.81 29.28 -8.43
N ALA D 220 7.18 28.13 -8.14
CA ALA D 220 7.10 27.06 -9.13
C ALA D 220 6.07 27.37 -10.22
N PHE D 221 4.91 27.90 -9.86
CA PHE D 221 3.79 28.02 -10.79
C PHE D 221 3.57 29.44 -11.29
N LEU D 222 3.52 30.42 -10.40
CA LEU D 222 3.10 31.76 -10.80
C LEU D 222 4.17 32.53 -11.56
N LEU D 223 5.40 32.04 -11.59
CA LEU D 223 6.44 32.69 -12.37
C LEU D 223 6.18 32.50 -13.86
N LYS D 224 6.16 33.60 -14.61
CA LYS D 224 5.92 33.58 -16.04
C LYS D 224 4.61 32.86 -16.39
N LEU D 242 -3.21 37.00 -2.67
CA LEU D 242 -2.78 38.20 -3.37
C LEU D 242 -1.55 38.80 -2.71
N ALA D 243 -1.04 39.89 -3.29
CA ALA D 243 0.11 40.57 -2.71
C ALA D 243 -0.24 41.27 -1.40
N VAL D 244 -1.52 41.59 -1.19
CA VAL D 244 -1.93 42.24 0.06
C VAL D 244 -1.67 41.32 1.25
N VAL D 245 -2.01 40.04 1.12
CA VAL D 245 -1.79 39.10 2.21
C VAL D 245 -0.30 38.91 2.46
N ASP D 246 0.51 38.87 1.39
CA ASP D 246 1.95 38.74 1.56
C ASP D 246 2.53 39.96 2.28
N LEU D 247 2.07 41.16 1.92
CA LEU D 247 2.53 42.36 2.62
C LEU D 247 2.10 42.36 4.07
N ILE D 248 0.88 41.90 4.35
CA ILE D 248 0.39 41.83 5.73
C ILE D 248 1.25 40.85 6.54
N VAL D 249 1.58 39.70 5.95
CA VAL D 249 2.41 38.72 6.63
C VAL D 249 3.80 39.28 6.88
N ASP D 250 4.36 40.00 5.90
CA ASP D 250 5.67 40.61 6.09
C ASP D 250 5.65 41.61 7.22
N ILE D 251 4.61 42.46 7.28
CA ILE D 251 4.51 43.44 8.35
C ILE D 251 4.34 42.74 9.70
N MET D 252 3.57 41.65 9.73
CA MET D 252 3.39 40.91 10.97
C MET D 252 4.70 40.29 11.46
N PHE D 253 5.51 39.79 10.53
CA PHE D 253 6.80 39.22 10.94
C PHE D 253 7.78 40.31 11.35
N ILE D 254 7.70 41.50 10.75
CA ILE D 254 8.49 42.62 11.26
C ILE D 254 8.07 42.97 12.68
N VAL D 255 6.77 42.98 12.94
CA VAL D 255 6.28 43.21 14.29
C VAL D 255 6.79 42.14 15.24
N ASP D 256 6.83 40.89 14.77
CA ASP D 256 7.30 39.79 15.60
C ASP D 256 8.78 39.94 15.95
N ILE D 257 9.61 40.28 14.97
CA ILE D 257 11.04 40.43 15.25
C ILE D 257 11.27 41.64 16.14
N LEU D 258 10.45 42.69 16.01
CA LEU D 258 10.51 43.79 16.97
C LEU D 258 10.14 43.34 18.37
N ILE D 259 9.12 42.49 18.48
CA ILE D 259 8.70 41.97 19.78
C ILE D 259 9.77 41.09 20.40
N ASN D 260 10.56 40.39 19.56
CA ASN D 260 11.56 39.46 20.07
C ASN D 260 12.56 40.15 21.00
N PHE D 261 12.75 41.46 20.85
CA PHE D 261 13.61 42.21 21.76
C PHE D 261 12.92 42.42 23.11
N GLY D 277 16.30 46.21 27.96
CA GLY D 277 17.49 46.33 27.14
C GLY D 277 18.54 45.30 27.46
N ARG D 278 18.33 44.56 28.55
CA ARG D 278 19.28 43.53 28.96
C ARG D 278 19.21 42.30 28.07
N ILE D 279 18.11 42.12 27.32
CA ILE D 279 17.92 40.92 26.52
C ILE D 279 18.26 41.12 25.04
N ALA D 280 18.40 42.37 24.60
CA ALA D 280 18.70 42.61 23.19
C ALA D 280 20.06 42.06 22.79
N VAL D 281 21.01 42.04 23.73
CA VAL D 281 22.35 41.52 23.43
C VAL D 281 22.28 40.04 23.10
N HIS D 282 21.48 39.28 23.85
CA HIS D 282 21.35 37.84 23.59
C HIS D 282 20.73 37.58 22.22
N TYR D 283 19.68 38.31 21.88
CA TYR D 283 19.04 38.10 20.58
C TYR D 283 19.94 38.52 19.43
N PHE D 284 20.67 39.64 19.58
CA PHE D 284 21.49 40.15 18.49
C PHE D 284 22.58 39.17 18.12
N LYS D 285 23.16 38.49 19.10
CA LYS D 285 24.17 37.46 18.86
C LYS D 285 23.55 36.07 18.76
N GLY D 286 22.22 35.97 18.80
CA GLY D 286 21.56 34.68 18.72
C GLY D 286 20.87 34.41 17.40
N TRP D 287 19.55 34.57 17.38
CA TRP D 287 18.74 34.27 16.21
C TRP D 287 18.44 35.49 15.34
N PHE D 288 19.03 36.65 15.66
CA PHE D 288 18.69 37.87 14.93
C PHE D 288 19.13 37.82 13.48
N LEU D 289 20.26 37.17 13.19
CA LEU D 289 20.74 37.13 11.80
C LEU D 289 19.76 36.40 10.90
N ILE D 290 19.29 35.23 11.33
CA ILE D 290 18.37 34.44 10.51
C ILE D 290 17.06 35.17 10.32
N ASP D 291 16.52 35.75 11.40
CA ASP D 291 15.26 36.48 11.30
C ASP D 291 15.40 37.71 10.40
N MET D 292 16.53 38.40 10.49
CA MET D 292 16.76 39.56 9.62
C MET D 292 16.85 39.14 8.16
N VAL D 293 17.52 38.02 7.90
CA VAL D 293 17.60 37.51 6.53
C VAL D 293 16.21 37.18 6.00
N ALA D 294 15.38 36.57 6.84
CA ALA D 294 14.02 36.21 6.44
C ALA D 294 13.04 37.38 6.46
N ALA D 295 13.47 38.56 6.92
CA ALA D 295 12.59 39.71 7.00
C ALA D 295 12.97 40.86 6.08
N ILE D 296 14.17 40.85 5.52
CA ILE D 296 14.59 41.96 4.65
C ILE D 296 13.89 41.85 3.32
N PRO D 297 13.21 42.91 2.85
CA PRO D 297 12.58 42.85 1.54
C PRO D 297 13.63 42.83 0.43
N PHE D 298 13.27 42.20 -0.68
CA PHE D 298 14.14 42.11 -1.85
C PHE D 298 13.53 42.82 -3.05
N ASP D 299 12.75 43.87 -2.81
CA ASP D 299 12.10 44.64 -3.87
C ASP D 299 13.10 45.65 -4.42
N LEU D 300 14.01 45.16 -5.24
CA LEU D 300 15.03 46.01 -5.86
C LEU D 300 14.42 46.89 -6.95
N LEU D 310 16.96 36.88 -9.93
CA LEU D 310 15.60 37.32 -10.17
C LEU D 310 14.85 37.56 -8.85
N ILE D 311 14.05 38.63 -8.82
CA ILE D 311 13.31 38.96 -7.60
C ILE D 311 12.31 37.85 -7.27
N GLY D 312 11.62 37.33 -8.29
CA GLY D 312 10.67 36.26 -8.05
C GLY D 312 11.31 35.03 -7.43
N LEU D 313 12.53 34.70 -7.87
CA LEU D 313 13.28 33.62 -7.25
C LEU D 313 13.96 34.04 -5.96
N LEU D 314 14.27 35.33 -5.80
CA LEU D 314 14.90 35.80 -4.58
C LEU D 314 13.92 35.85 -3.42
N LYS D 315 12.62 35.93 -3.68
CA LYS D 315 11.62 35.92 -2.62
C LYS D 315 11.55 34.58 -1.90
N THR D 316 12.19 33.54 -2.44
CA THR D 316 12.25 32.24 -1.76
C THR D 316 12.98 32.34 -0.43
N ALA D 317 13.80 33.38 -0.24
CA ALA D 317 14.57 33.57 0.99
C ALA D 317 13.66 33.80 2.20
N ARG D 318 12.36 33.82 1.99
CA ARG D 318 11.42 33.86 3.10
C ARG D 318 11.17 32.49 3.72
N LEU D 319 11.72 31.42 3.13
CA LEU D 319 11.48 30.08 3.64
C LEU D 319 12.27 29.79 4.91
N LEU D 320 13.27 30.60 5.24
CA LEU D 320 14.01 30.40 6.48
C LEU D 320 13.22 30.76 7.72
N ARG D 321 11.96 31.18 7.58
CA ARG D 321 11.12 31.43 8.74
C ARG D 321 10.72 30.13 9.45
N LEU D 322 10.98 28.97 8.85
CA LEU D 322 10.67 27.70 9.50
C LEU D 322 11.48 27.49 10.77
N VAL D 323 12.63 28.16 10.90
CA VAL D 323 13.38 28.07 12.14
C VAL D 323 12.59 28.68 13.29
N ARG D 324 11.69 29.64 12.99
CA ARG D 324 10.91 30.28 14.03
C ARG D 324 9.95 29.32 14.71
N VAL D 325 9.57 28.23 14.06
CA VAL D 325 8.72 27.22 14.69
C VAL D 325 9.60 26.05 15.14
N ALA D 326 10.70 25.82 14.42
CA ALA D 326 11.60 24.73 14.79
C ALA D 326 12.28 24.99 16.14
N ARG D 327 12.51 26.24 16.49
CA ARG D 327 13.22 26.60 17.71
C ARG D 327 12.30 26.79 18.91
N LYS D 328 10.98 26.71 18.72
CA LYS D 328 10.02 26.82 19.81
C LYS D 328 9.17 25.57 19.90
N LEU D 329 9.80 24.40 19.78
CA LEU D 329 9.06 23.14 19.81
C LEU D 329 8.47 22.86 21.18
N ASP D 330 8.98 23.50 22.24
CA ASP D 330 8.42 23.29 23.56
C ASP D 330 6.97 23.80 23.65
N ARG D 331 6.69 24.93 23.01
CA ARG D 331 5.36 25.51 23.05
C ARG D 331 4.34 24.69 22.26
N TYR D 332 4.79 23.92 21.28
CA TYR D 332 3.89 23.18 20.39
C TYR D 332 3.91 21.67 20.66
N SER D 333 4.08 21.27 21.93
CA SER D 333 4.20 19.85 22.23
C SER D 333 3.48 19.48 23.53
N GLU D 334 2.35 20.13 23.83
CA GLU D 334 1.66 19.89 25.09
C GLU D 334 0.22 19.41 24.94
N TYR D 335 -0.46 19.74 23.84
CA TYR D 335 -1.85 19.32 23.68
C TYR D 335 -1.98 17.81 23.52
N GLY D 336 -0.98 17.16 22.94
CA GLY D 336 -1.07 15.74 22.64
C GLY D 336 -1.79 15.42 21.35
N ALA D 337 -2.46 16.39 20.75
CA ALA D 337 -3.02 16.27 19.41
C ALA D 337 -2.54 17.35 18.46
N ALA D 338 -2.04 18.47 18.99
CA ALA D 338 -1.42 19.47 18.15
C ALA D 338 -0.18 18.92 17.47
N VAL D 339 0.57 18.06 18.15
CA VAL D 339 1.76 17.45 17.55
C VAL D 339 1.35 16.45 16.47
N LEU D 340 0.25 15.72 16.66
CA LEU D 340 -0.26 14.85 15.61
C LEU D 340 -0.71 15.66 14.40
N PHE D 341 -1.39 16.77 14.64
CA PHE D 341 -1.75 17.68 13.56
C PHE D 341 -0.51 18.21 12.86
N LEU D 342 0.56 18.47 13.62
CA LEU D 342 1.80 18.93 13.02
C LEU D 342 2.43 17.84 12.15
N LEU D 343 2.34 16.59 12.57
CA LEU D 343 2.84 15.49 11.74
C LEU D 343 2.06 15.39 10.44
N MET D 344 0.74 15.51 10.51
CA MET D 344 -0.07 15.52 9.29
C MET D 344 0.29 16.73 8.42
N CYS D 345 0.51 17.88 9.05
CA CYS D 345 0.84 19.09 8.31
C CYS D 345 2.18 18.98 7.61
N THR D 346 3.17 18.37 8.26
CA THR D 346 4.47 18.22 7.60
C THR D 346 4.42 17.13 6.52
N PHE D 347 3.57 16.12 6.70
CA PHE D 347 3.27 15.22 5.59
C PHE D 347 2.77 15.99 4.38
N ALA D 348 1.74 16.82 4.58
CA ALA D 348 1.17 17.58 3.48
C ALA D 348 2.19 18.56 2.90
N LEU D 349 3.03 19.14 3.75
CA LEU D 349 4.02 20.11 3.30
C LEU D 349 5.09 19.46 2.46
N ILE D 350 5.57 18.30 2.87
CA ILE D 350 6.55 17.56 2.08
C ILE D 350 5.95 17.17 0.74
N ALA D 351 4.70 16.71 0.74
CA ALA D 351 4.04 16.36 -0.52
C ALA D 351 3.90 17.58 -1.42
N HIS D 352 3.54 18.74 -0.85
CA HIS D 352 3.35 19.94 -1.65
C HIS D 352 4.67 20.45 -2.22
N TRP D 353 5.74 20.42 -1.43
CA TRP D 353 7.05 20.82 -1.94
C TRP D 353 7.53 19.89 -3.04
N LEU D 354 7.33 18.59 -2.85
CA LEU D 354 7.71 17.64 -3.90
C LEU D 354 6.89 17.85 -5.16
N ALA D 355 5.61 18.22 -5.00
CA ALA D 355 4.79 18.55 -6.16
C ALA D 355 5.32 19.78 -6.89
N CYS D 356 5.76 20.78 -6.14
CA CYS D 356 6.34 21.97 -6.75
C CYS D 356 7.61 21.63 -7.52
N ILE D 357 8.47 20.79 -6.93
CA ILE D 357 9.69 20.39 -7.63
C ILE D 357 9.37 19.54 -8.86
N TRP D 358 8.35 18.68 -8.76
CA TRP D 358 7.92 17.87 -9.88
C TRP D 358 7.44 18.73 -11.04
N TYR D 359 6.63 19.75 -10.75
CA TYR D 359 6.18 20.65 -11.81
C TYR D 359 7.33 21.47 -12.36
N ALA D 360 8.29 21.87 -11.51
CA ALA D 360 9.44 22.61 -12.00
C ALA D 360 10.25 21.76 -12.97
N ILE D 361 10.41 20.47 -12.67
CA ILE D 361 11.10 19.56 -13.58
C ILE D 361 10.30 19.41 -14.89
N GLY D 362 8.99 19.22 -14.76
CA GLY D 362 8.18 18.94 -15.94
C GLY D 362 8.06 20.12 -16.89
N ASN D 363 7.94 21.34 -16.34
CA ASN D 363 7.73 22.50 -17.19
C ASN D 363 8.97 22.87 -17.99
N MET D 364 10.15 22.60 -17.43
CA MET D 364 11.40 22.92 -18.14
C MET D 364 11.65 22.02 -19.34
N GLU D 365 10.90 20.92 -19.48
CA GLU D 365 11.10 19.99 -20.57
C GLU D 365 10.12 20.17 -21.72
N GLN D 366 9.01 20.88 -21.51
CA GLN D 366 8.05 21.07 -22.59
C GLN D 366 8.63 21.80 -23.80
N PRO D 367 9.41 22.87 -23.67
CA PRO D 367 10.07 23.43 -24.86
C PRO D 367 10.92 22.42 -25.61
N HIS D 368 11.60 21.54 -24.88
CA HIS D 368 12.46 20.53 -25.50
C HIS D 368 11.63 19.38 -26.07
N ARG D 372 5.62 13.56 -27.34
CA ARG D 372 4.69 13.09 -26.31
C ARG D 372 5.45 12.47 -25.14
N ILE D 373 6.61 13.03 -24.84
CA ILE D 373 7.43 12.62 -23.72
C ILE D 373 7.35 13.69 -22.65
N GLY D 374 7.04 13.29 -21.42
CA GLY D 374 6.87 14.23 -20.34
C GLY D 374 5.50 14.10 -19.71
N TRP D 375 5.39 14.38 -18.41
CA TRP D 375 4.12 14.21 -17.74
C TRP D 375 3.12 15.28 -18.10
N LEU D 376 3.57 16.46 -18.54
CA LEU D 376 2.64 17.51 -18.92
C LEU D 376 1.93 17.20 -20.24
N HIS D 377 2.65 16.63 -21.21
CA HIS D 377 2.03 16.23 -22.46
C HIS D 377 0.99 15.14 -22.24
N ASN D 378 1.33 14.14 -21.43
CA ASN D 378 0.37 13.09 -21.11
C ASN D 378 -0.83 13.65 -20.36
N LEU D 379 -0.59 14.58 -19.43
CA LEU D 379 -1.70 15.22 -18.73
C LEU D 379 -2.62 15.94 -19.69
N GLY D 380 -2.05 16.69 -20.63
CA GLY D 380 -2.86 17.36 -21.63
C GLY D 380 -3.68 16.39 -22.45
N ASP D 381 -3.08 15.27 -22.84
CA ASP D 381 -3.80 14.28 -23.64
C ASP D 381 -4.96 13.67 -22.85
N GLN D 382 -4.70 13.31 -21.58
CA GLN D 382 -5.70 12.58 -20.80
C GLN D 382 -6.94 13.44 -20.52
N ILE D 383 -6.74 14.68 -20.09
CA ILE D 383 -7.84 15.51 -19.64
C ILE D 383 -8.53 16.16 -20.83
N GLY D 384 -8.09 15.83 -22.04
CA GLY D 384 -8.71 16.36 -23.24
C GLY D 384 -8.35 17.78 -23.56
N LYS D 385 -7.18 18.26 -23.14
CA LYS D 385 -6.70 19.60 -23.44
C LYS D 385 -5.29 19.49 -24.02
N PRO D 386 -5.17 19.06 -25.28
CA PRO D 386 -3.84 18.86 -25.86
C PRO D 386 -3.04 20.16 -25.91
N TYR D 387 -1.73 20.02 -25.73
CA TYR D 387 -0.82 21.16 -25.80
C TYR D 387 -0.76 21.71 -27.22
N GLY D 393 -1.03 26.37 -25.69
CA GLY D 393 -1.78 26.29 -24.44
C GLY D 393 -2.30 24.89 -24.15
N GLY D 394 -2.11 24.44 -22.92
CA GLY D 394 -2.55 23.12 -22.51
C GLY D 394 -3.41 23.16 -21.26
N PRO D 395 -3.10 22.29 -20.31
CA PRO D 395 -3.87 22.26 -19.06
C PRO D 395 -3.73 23.56 -18.28
N SER D 396 -4.77 23.88 -17.54
CA SER D 396 -4.75 25.08 -16.71
C SER D 396 -3.84 24.89 -15.50
N ILE D 397 -3.60 25.98 -14.78
CA ILE D 397 -2.72 25.92 -13.61
C ILE D 397 -3.33 25.04 -12.54
N LYS D 398 -4.65 25.10 -12.38
CA LYS D 398 -5.33 24.25 -11.40
C LYS D 398 -5.12 22.77 -11.73
N ASP D 399 -5.30 22.40 -13.00
CA ASP D 399 -5.14 21.00 -13.39
C ASP D 399 -3.70 20.54 -13.18
N LYS D 400 -2.73 21.38 -13.56
CA LYS D 400 -1.33 21.01 -13.40
C LYS D 400 -0.96 20.84 -11.93
N TYR D 401 -1.38 21.78 -11.08
CA TYR D 401 -1.06 21.65 -9.66
C TYR D 401 -1.73 20.43 -9.04
N VAL D 402 -3.00 20.20 -9.35
CA VAL D 402 -3.71 19.06 -8.77
C VAL D 402 -3.06 17.76 -9.23
N THR D 403 -2.71 17.66 -10.50
CA THR D 403 -2.05 16.46 -11.00
C THR D 403 -0.70 16.23 -10.33
N ALA D 404 0.10 17.30 -10.18
CA ALA D 404 1.40 17.15 -9.56
C ALA D 404 1.27 16.70 -8.11
N LEU D 405 0.35 17.32 -7.35
CA LEU D 405 0.16 16.94 -5.96
C LEU D 405 -0.37 15.52 -5.84
N TYR D 406 -1.28 15.12 -6.74
CA TYR D 406 -1.82 13.77 -6.71
C TYR D 406 -0.75 12.74 -7.01
N PHE D 407 0.11 13.00 -8.02
CA PHE D 407 1.20 12.08 -8.30
C PHE D 407 2.17 11.98 -7.14
N THR D 408 2.52 13.12 -6.54
CA THR D 408 3.47 13.09 -5.43
C THR D 408 2.90 12.34 -4.24
N PHE D 409 1.62 12.56 -3.93
CA PHE D 409 0.99 11.81 -2.85
C PHE D 409 0.97 10.33 -3.15
N SER D 410 0.63 9.94 -4.38
CA SER D 410 0.60 8.54 -4.73
C SER D 410 1.97 7.89 -4.62
N SER D 411 3.01 8.60 -5.05
CA SER D 411 4.37 8.06 -4.96
C SER D 411 4.80 7.90 -3.51
N LEU D 412 4.54 8.92 -2.68
CA LEU D 412 4.95 8.83 -1.28
C LEU D 412 4.20 7.73 -0.54
N THR D 413 2.90 7.60 -0.80
CA THR D 413 2.06 6.63 -0.12
C THR D 413 2.14 5.23 -0.72
N SER D 414 2.91 5.06 -1.79
CA SER D 414 3.17 3.76 -2.39
C SER D 414 1.91 3.14 -2.99
N VAL D 415 1.13 3.93 -3.70
CA VAL D 415 0.01 3.43 -4.50
C VAL D 415 0.39 3.28 -5.96
N GLY D 416 0.94 4.32 -6.57
CA GLY D 416 1.32 4.24 -7.97
C GLY D 416 0.13 3.97 -8.86
N PHE D 417 -0.76 4.96 -8.98
CA PHE D 417 -2.03 4.75 -9.66
C PHE D 417 -1.88 4.41 -11.13
N GLY D 418 -0.75 4.77 -11.75
CA GLY D 418 -0.53 4.49 -13.15
C GLY D 418 -1.10 5.51 -14.11
N ASN D 419 -1.83 6.51 -13.61
CA ASN D 419 -2.26 7.60 -14.45
C ASN D 419 -1.09 8.51 -14.81
N VAL D 420 -0.28 8.86 -13.82
CA VAL D 420 0.92 9.68 -14.01
C VAL D 420 2.13 8.81 -13.73
N SER D 421 3.00 8.63 -14.72
CA SER D 421 4.14 7.77 -14.61
C SER D 421 5.36 8.45 -15.21
N PRO D 422 6.48 8.51 -14.49
CA PRO D 422 7.68 9.15 -15.03
C PRO D 422 8.17 8.46 -16.29
N ASN D 423 8.65 9.26 -17.25
CA ASN D 423 9.11 8.75 -18.53
C ASN D 423 10.48 9.26 -18.96
N THR D 424 10.93 10.40 -18.47
CA THR D 424 12.23 10.94 -18.79
C THR D 424 13.21 10.61 -17.66
N ASN D 425 14.51 10.74 -17.97
CA ASN D 425 15.53 10.40 -16.99
C ASN D 425 15.44 11.28 -15.75
N SER D 426 15.19 12.58 -15.94
CA SER D 426 15.03 13.48 -14.80
C SER D 426 13.82 13.07 -13.97
N GLU D 427 12.70 12.77 -14.62
CA GLU D 427 11.51 12.34 -13.90
C GLU D 427 11.76 11.02 -13.18
N LYS D 428 12.47 10.09 -13.83
CA LYS D 428 12.74 8.80 -13.20
C LYS D 428 13.63 8.94 -11.97
N ILE D 429 14.67 9.77 -12.05
CA ILE D 429 15.56 9.97 -10.90
C ILE D 429 14.81 10.67 -9.77
N PHE D 430 14.02 11.70 -10.11
CA PHE D 430 13.23 12.38 -9.09
C PHE D 430 12.27 11.40 -8.42
N SER D 431 11.64 10.52 -9.20
CA SER D 431 10.73 9.54 -8.64
C SER D 431 11.45 8.54 -7.75
N ILE D 432 12.68 8.15 -8.13
CA ILE D 432 13.46 7.26 -7.28
C ILE D 432 13.72 7.91 -5.92
N CYS D 433 14.14 9.18 -5.95
CA CYS D 433 14.38 9.89 -4.69
C CYS D 433 13.10 10.03 -3.88
N VAL D 434 11.98 10.31 -4.55
CA VAL D 434 10.70 10.45 -3.85
C VAL D 434 10.30 9.14 -3.19
N MET D 435 10.48 8.02 -3.89
CA MET D 435 10.17 6.72 -3.30
C MET D 435 11.04 6.45 -2.07
N LEU D 436 12.34 6.73 -2.18
CA LEU D 436 13.24 6.49 -1.04
C LEU D 436 12.82 7.32 0.17
N ILE D 437 12.62 8.62 -0.03
CA ILE D 437 12.26 9.47 1.10
C ILE D 437 10.88 9.12 1.62
N GLY D 438 9.97 8.67 0.75
CA GLY D 438 8.67 8.26 1.20
C GLY D 438 8.71 7.03 2.08
N SER D 439 9.55 6.04 1.72
CA SER D 439 9.70 4.86 2.56
C SER D 439 10.30 5.22 3.92
N LEU D 440 11.39 6.00 3.91
CA LEU D 440 12.02 6.38 5.17
C LEU D 440 11.08 7.19 6.04
N MET D 441 10.36 8.14 5.44
CA MET D 441 9.45 8.99 6.19
C MET D 441 8.25 8.20 6.70
N TYR D 442 7.74 7.25 5.91
CA TYR D 442 6.75 6.32 6.42
C TYR D 442 7.25 5.68 7.70
N ALA D 443 8.37 4.96 7.62
CA ALA D 443 8.93 4.29 8.78
C ALA D 443 8.98 5.22 9.98
N SER D 444 9.74 6.32 9.88
CA SER D 444 9.97 7.19 11.02
C SER D 444 8.68 7.83 11.50
N ILE D 445 8.04 8.64 10.65
CA ILE D 445 6.91 9.46 11.06
C ILE D 445 5.77 8.60 11.57
N PHE D 446 5.45 7.50 10.88
CA PHE D 446 4.30 6.74 11.33
C PHE D 446 4.64 5.71 12.40
N GLY D 447 5.91 5.41 12.65
CA GLY D 447 6.26 4.81 13.92
C GLY D 447 5.98 5.76 15.08
N ASN D 448 6.33 7.04 14.89
CA ASN D 448 5.98 8.05 15.89
C ASN D 448 4.47 8.15 16.05
N VAL D 449 3.73 8.09 14.94
CA VAL D 449 2.26 8.18 14.99
C VAL D 449 1.68 6.98 15.71
N SER D 450 2.18 5.78 15.44
CA SER D 450 1.72 4.59 16.15
C SER D 450 2.02 4.69 17.63
N ALA D 451 3.17 5.26 17.99
CA ALA D 451 3.47 5.48 19.40
C ALA D 451 2.51 6.48 20.02
N ILE D 452 2.17 7.55 19.30
CA ILE D 452 1.38 8.62 19.89
C ILE D 452 -0.09 8.22 20.04
N ILE D 453 -0.61 7.42 19.11
CA ILE D 453 -2.06 7.15 19.12
C ILE D 453 -2.48 6.30 20.31
N GLN D 454 -1.53 5.78 21.09
CA GLN D 454 -1.86 5.01 22.28
C GLN D 454 -2.33 5.88 23.43
N ARG D 455 -2.20 7.19 23.34
CA ARG D 455 -2.55 8.08 24.43
C ARG D 455 -3.78 8.93 24.07
C07 1II E . 4.41 -3.27 2.26
C08 1II E . 5.09 -1.97 1.94
C09 1II E . 2.95 -3.04 1.96
C10 1II E . 4.54 -0.88 2.84
C11 1II E . 2.43 -2.04 2.94
C12 1II E . 2.61 0.08 3.85
C13 1II E . 2.98 1.53 3.62
C14 1II E . 5.95 -4.68 0.70
C15 1II E . 2.03 2.40 4.43
C16 1II E . 4.31 -5.65 1.64
C17 1II E . 1.67 3.58 3.55
C18 1II E . 5.95 -5.95 0.33
C19 1II E . 6.90 -3.89 0.23
C20 1II E . 2.24 4.75 4.03
C21 1II E . 0.27 3.70 3.44
C22 1II E . 6.85 -6.46 -0.50
C23 1II E . 7.86 -4.36 -0.64
C24 1II E . 7.86 -5.68 -1.02
C25 1II E . 1.90 5.31 5.26
C26 1II E . -0.31 4.94 3.23
C27 1II E . 3.18 5.38 3.23
C28 1II E . -0.55 2.59 3.52
C29 1II E . 2.51 6.49 5.65
C30 1II E . -1.67 5.09 3.09
C31 1II E . 3.79 6.56 3.63
C32 1II E . -1.92 2.73 3.40
C33 1II E . 3.45 7.11 4.85
C34 1II E . -2.48 3.97 3.18
F01 1II E . 4.01 8.19 5.25
F02 1II E . -3.65 4.11 3.07
N04 1II E . 3.08 -0.76 2.74
N05 1II E . 4.92 -4.47 1.53
N06 1II E . 4.93 -6.56 0.91
O03 1II E . 3.31 -5.91 2.31
#